data_4ADE
#
_entry.id   4ADE
#
_cell.length_a   231.469
_cell.length_b   231.469
_cell.length_c   110.416
_cell.angle_alpha   90.00
_cell.angle_beta   90.00
_cell.angle_gamma   120.00
#
_symmetry.space_group_name_H-M   'H 3 2'
#
loop_
_entity.id
_entity.type
_entity.pdbx_description
1 polymer 'SUCCINYLORNITHINE TRANSAMINASE'
2 water water
#
_entity_poly.entity_id   1
_entity_poly.type   'polypeptide(L)'
_entity_poly.pdbx_seq_one_letter_code
;MSQPITRENFDEWMIPVYAPAPFIPVRGEGSRLWDQQGKEYIDFAGGIAVNALGHAHPELREALNEQASKFWHTGNGYTN
EPVLRLAKKLIDATFADRVFFCNSGAEANEAALKLARKFAHDRYGSHKSGIVAFKNAFHGRTLFTVSAGGQPAYSQDFAP
LPADIRHAAYNDINSASALIDDSTCAVIVEPIQGEGGVVPASNAFLQGLRELCNRHNALLIFDEVQTGVGRTGELYAYMH
YGVTPDLLTTAKALGGGFPVGALLATEECARVMTVGTHGTTYGGNPLASAVAGKVLELINTPEMLNGVKQRHDWFVERLN
TINHRYGLFSEVRGLGLLIGCVLNADYAGQAKQISQEAAKAGVMVLIAGGNVVRFAPALNVSEEEVTTGLDRFAAACEHF
VSRGSS
;
_entity_poly.pdbx_strand_id   A,B
#
# COMPACT_ATOMS: atom_id res chain seq x y z
N GLN A 3 19.26 -12.50 4.27
CA GLN A 3 18.84 -11.70 5.48
C GLN A 3 17.48 -10.96 5.37
N PRO A 4 17.25 -10.11 4.33
CA PRO A 4 15.89 -9.55 4.27
C PRO A 4 14.81 -10.62 3.93
N ILE A 5 13.57 -10.36 4.35
CA ILE A 5 12.44 -11.24 4.14
C ILE A 5 11.75 -10.81 2.85
N THR A 6 11.49 -11.77 1.98
CA THR A 6 10.84 -11.45 0.67
C THR A 6 9.59 -12.31 0.41
N ARG A 7 8.78 -11.88 -0.55
CA ARG A 7 7.59 -12.61 -0.91
C ARG A 7 7.94 -14.02 -1.49
N GLU A 8 9.11 -14.14 -2.12
CA GLU A 8 9.57 -15.42 -2.66
C GLU A 8 9.84 -16.36 -1.44
N ASN A 9 10.23 -15.80 -0.30
CA ASN A 9 10.39 -16.59 0.91
C ASN A 9 9.05 -17.31 1.31
N PHE A 10 7.90 -16.73 1.00
CA PHE A 10 6.65 -17.31 1.40
C PHE A 10 6.39 -18.62 0.66
N ASP A 11 6.69 -18.68 -0.65
CA ASP A 11 6.51 -19.91 -1.47
C ASP A 11 7.51 -21.00 -1.12
N GLU A 12 8.68 -20.61 -0.62
CA GLU A 12 9.64 -21.57 -0.16
C GLU A 12 9.31 -22.19 1.21
N TRP A 13 8.61 -21.51 2.11
CA TRP A 13 8.54 -21.98 3.48
C TRP A 13 7.17 -22.30 4.03
N MET A 14 6.10 -21.81 3.43
CA MET A 14 4.82 -22.09 4.00
C MET A 14 4.10 -23.17 3.23
N ILE A 15 3.47 -24.13 3.94
CA ILE A 15 2.48 -25.06 3.31
C ILE A 15 1.50 -24.18 2.54
N PRO A 16 1.38 -24.39 1.22
CA PRO A 16 0.79 -23.34 0.33
C PRO A 16 -0.74 -23.34 0.30
N VAL A 17 -1.38 -23.05 1.42
CA VAL A 17 -2.84 -23.01 1.46
C VAL A 17 -3.42 -21.63 1.10
N TYR A 18 -2.57 -20.61 1.18
CA TYR A 18 -2.94 -19.24 0.88
C TYR A 18 -2.08 -18.66 -0.25
N ALA A 19 -2.72 -17.91 -1.14
CA ALA A 19 -1.93 -17.17 -2.14
C ALA A 19 -1.90 -15.67 -1.77
N PRO A 20 -1.07 -15.26 -0.79
CA PRO A 20 -1.28 -13.91 -0.34
C PRO A 20 -0.63 -12.90 -1.28
N ALA A 21 -1.02 -11.64 -1.03
CA ALA A 21 -0.62 -10.50 -1.74
C ALA A 21 0.85 -10.52 -2.12
N PRO A 22 1.16 -9.89 -3.25
CA PRO A 22 2.56 -9.71 -3.66
C PRO A 22 3.38 -8.88 -2.66
N PHE A 23 2.71 -8.01 -1.87
CA PHE A 23 3.35 -7.06 -0.94
C PHE A 23 3.13 -7.53 0.49
N ILE A 24 4.05 -7.17 1.36
CA ILE A 24 4.00 -7.64 2.72
C ILE A 24 3.89 -6.48 3.70
N PRO A 25 2.79 -6.41 4.48
CA PRO A 25 2.61 -5.35 5.46
C PRO A 25 3.70 -5.35 6.53
N VAL A 26 4.15 -4.15 6.94
CA VAL A 26 5.10 -4.05 8.06
C VAL A 26 4.62 -3.21 9.24
N ARG A 27 3.56 -2.40 9.04
CA ARG A 27 2.96 -1.58 10.13
C ARG A 27 1.66 -0.92 9.75
N GLY A 28 0.82 -0.62 10.74
CA GLY A 28 -0.46 -0.01 10.46
C GLY A 28 -0.85 0.93 11.58
N GLU A 29 -1.73 1.86 11.31
CA GLU A 29 -2.34 2.62 12.35
C GLU A 29 -3.74 3.02 11.89
N GLY A 30 -4.73 2.64 12.65
CA GLY A 30 -6.09 2.84 12.24
C GLY A 30 -6.40 2.03 11.02
N SER A 31 -6.97 2.68 10.02
CA SER A 31 -7.34 2.01 8.79
C SER A 31 -6.27 2.19 7.69
N ARG A 32 -5.02 2.42 8.09
CA ARG A 32 -3.93 2.51 7.16
C ARG A 32 -2.92 1.43 7.44
N LEU A 33 -2.34 0.89 6.38
CA LEU A 33 -1.35 -0.17 6.45
C LEU A 33 -0.21 0.14 5.48
N TRP A 34 1.02 -0.14 5.90
CA TRP A 34 2.21 0.08 5.06
C TRP A 34 3.04 -1.19 4.81
N ASP A 35 3.56 -1.31 3.57
CA ASP A 35 4.31 -2.50 3.25
C ASP A 35 5.79 -2.27 3.33
N GLN A 36 6.57 -3.26 2.93
CA GLN A 36 8.01 -3.16 3.04
C GLN A 36 8.61 -2.01 2.26
N GLN A 37 7.98 -1.62 1.16
CA GLN A 37 8.48 -0.54 0.29
C GLN A 37 7.85 0.74 0.68
N GLY A 38 7.07 0.75 1.76
CA GLY A 38 6.47 1.98 2.26
C GLY A 38 5.31 2.46 1.41
N LYS A 39 4.71 1.59 0.61
CA LYS A 39 3.49 1.97 -0.08
C LYS A 39 2.34 2.03 0.95
N GLU A 40 1.33 2.86 0.76
CA GLU A 40 0.31 3.07 1.77
C GLU A 40 -1.06 2.60 1.36
N TYR A 41 -1.67 1.73 2.17
CA TYR A 41 -2.96 1.19 1.80
C TYR A 41 -4.02 1.69 2.75
N ILE A 42 -5.22 1.88 2.26
CA ILE A 42 -6.36 2.03 3.14
C ILE A 42 -6.94 0.62 3.27
N ASP A 43 -7.21 0.19 4.51
CA ASP A 43 -7.56 -1.16 4.81
C ASP A 43 -9.06 -1.32 4.97
N PHE A 44 -9.81 -1.55 3.89
CA PHE A 44 -11.22 -1.97 4.00
C PHE A 44 -11.44 -3.49 4.22
N ALA A 45 -10.37 -4.26 4.32
CA ALA A 45 -10.52 -5.67 4.56
C ALA A 45 -10.64 -5.88 6.08
N GLY A 46 -10.06 -4.96 6.85
CA GLY A 46 -10.00 -5.00 8.30
C GLY A 46 -9.70 -6.36 8.90
N GLY A 47 -8.75 -7.07 8.32
CA GLY A 47 -8.34 -8.36 8.90
C GLY A 47 -9.35 -9.47 8.73
N ILE A 48 -10.24 -9.27 7.76
CA ILE A 48 -11.42 -10.07 7.48
C ILE A 48 -12.40 -9.87 8.57
N ALA A 49 -12.82 -8.63 8.80
CA ALA A 49 -13.79 -8.32 9.86
C ALA A 49 -13.27 -8.54 11.29
N VAL A 50 -11.98 -8.42 11.49
CA VAL A 50 -11.39 -8.75 12.78
C VAL A 50 -10.91 -7.47 13.44
N ASN A 51 -10.23 -6.60 12.69
CA ASN A 51 -9.70 -5.40 13.31
C ASN A 51 -10.73 -4.31 13.51
N ALA A 52 -11.64 -4.52 14.46
CA ALA A 52 -12.82 -3.63 14.60
C ALA A 52 -12.44 -2.20 15.03
N LEU A 53 -11.27 -2.07 15.64
CA LEU A 53 -10.78 -0.79 16.10
C LEU A 53 -9.52 -0.38 15.32
N GLY A 54 -9.34 -0.93 14.10
CA GLY A 54 -8.09 -0.72 13.30
C GLY A 54 -6.76 -1.21 13.86
N HIS A 55 -5.67 -0.88 13.18
CA HIS A 55 -4.36 -1.41 13.50
C HIS A 55 -3.70 -0.75 14.65
N ALA A 56 -2.98 -1.57 15.43
CA ALA A 56 -2.22 -1.12 16.58
C ALA A 56 -2.90 -0.04 17.45
N HIS A 57 -4.17 -0.25 17.80
CA HIS A 57 -4.92 0.70 18.62
C HIS A 57 -4.31 0.93 19.98
N PRO A 58 -4.01 2.19 20.32
CA PRO A 58 -3.36 2.56 21.60
C PRO A 58 -4.00 1.94 22.88
N GLU A 59 -5.32 1.92 22.94
CA GLU A 59 -6.00 1.32 24.09
C GLU A 59 -5.90 -0.21 24.18
N LEU A 60 -6.09 -0.90 23.05
CA LEU A 60 -5.82 -2.31 23.04
C LEU A 60 -4.36 -2.55 23.47
N ARG A 61 -3.45 -1.70 22.99
CA ARG A 61 -2.06 -1.88 23.42
C ARG A 61 -1.83 -1.77 24.94
N GLU A 62 -2.40 -0.77 25.64
CA GLU A 62 -2.14 -0.72 27.11
C GLU A 62 -2.83 -1.84 27.83
N ALA A 63 -4.04 -2.19 27.40
CA ALA A 63 -4.72 -3.38 27.95
C ALA A 63 -3.84 -4.59 27.80
N LEU A 64 -3.21 -4.77 26.63
CA LEU A 64 -2.38 -5.93 26.38
C LEU A 64 -1.13 -5.91 27.24
N ASN A 65 -0.42 -4.79 27.28
N ASN A 65 -0.42 -4.77 27.20
CA ASN A 65 0.76 -4.73 28.11
CA ASN A 65 0.72 -4.39 28.05
C ASN A 65 0.50 -4.68 29.62
C ASN A 65 0.47 -4.65 29.53
N GLU A 66 -0.60 -4.06 30.05
CA GLU A 66 -0.95 -4.14 31.47
C GLU A 66 -1.05 -5.62 31.88
N GLN A 67 -1.80 -6.42 31.13
CA GLN A 67 -1.97 -7.76 31.56
C GLN A 67 -0.69 -8.53 31.43
N ALA A 68 0.06 -8.25 30.36
CA ALA A 68 1.20 -9.05 30.03
C ALA A 68 2.27 -8.96 31.09
N SER A 69 2.19 -7.91 31.91
CA SER A 69 3.16 -7.77 33.03
C SER A 69 2.72 -8.45 34.33
N LYS A 70 1.48 -8.95 34.38
CA LYS A 70 1.01 -9.73 35.53
C LYS A 70 1.16 -11.20 35.25
N PHE A 71 0.45 -11.66 34.23
CA PHE A 71 0.62 -13.04 33.75
C PHE A 71 -0.30 -13.30 32.56
N TRP A 72 0.17 -14.21 31.71
CA TRP A 72 -0.43 -14.54 30.43
C TRP A 72 -1.30 -15.75 30.46
N HIS A 73 -0.95 -16.77 31.24
CA HIS A 73 -1.62 -18.03 31.06
C HIS A 73 -1.37 -18.95 32.22
N THR A 74 -2.37 -19.73 32.60
CA THR A 74 -2.22 -20.78 33.60
C THR A 74 -2.82 -22.10 33.10
N GLY A 75 -3.65 -22.00 32.07
CA GLY A 75 -4.57 -23.09 31.67
C GLY A 75 -5.79 -23.11 32.60
N ASN A 76 -6.76 -23.97 32.33
CA ASN A 76 -8.07 -23.87 32.96
C ASN A 76 -8.31 -24.59 34.29
N GLY A 77 -7.28 -25.17 34.88
CA GLY A 77 -7.39 -25.58 36.26
C GLY A 77 -7.51 -24.38 37.19
N TYR A 78 -7.37 -23.17 36.65
CA TYR A 78 -7.35 -21.91 37.38
C TYR A 78 -8.10 -20.88 36.51
N THR A 79 -8.96 -20.07 37.12
CA THR A 79 -9.63 -19.06 36.38
C THR A 79 -8.90 -17.75 36.70
N ASN A 80 -9.43 -16.61 36.25
CA ASN A 80 -8.75 -15.36 36.41
C ASN A 80 -9.70 -14.16 36.35
N GLU A 81 -9.28 -12.99 36.81
CA GLU A 81 -10.17 -11.86 36.91
C GLU A 81 -10.60 -11.34 35.55
N PRO A 82 -9.63 -11.16 34.64
CA PRO A 82 -10.01 -10.71 33.28
C PRO A 82 -11.10 -11.61 32.66
N VAL A 83 -10.86 -12.92 32.60
CA VAL A 83 -11.84 -13.78 31.94
C VAL A 83 -13.23 -13.65 32.61
N LEU A 84 -13.24 -13.57 33.94
CA LEU A 84 -14.50 -13.38 34.61
C LEU A 84 -15.14 -11.98 34.36
N ARG A 85 -14.38 -10.90 34.37
CA ARG A 85 -15.00 -9.61 33.96
C ARG A 85 -15.52 -9.72 32.55
N LEU A 86 -14.92 -10.57 31.72
CA LEU A 86 -15.34 -10.58 30.34
C LEU A 86 -16.69 -11.35 30.18
N ALA A 87 -16.74 -12.53 30.78
CA ALA A 87 -17.95 -13.28 30.89
C ALA A 87 -19.08 -12.40 31.36
N LYS A 88 -18.88 -11.71 32.47
CA LYS A 88 -19.89 -10.76 32.93
C LYS A 88 -20.33 -9.71 31.91
N LYS A 89 -19.40 -9.12 31.17
CA LYS A 89 -19.78 -8.03 30.23
C LYS A 89 -20.73 -8.60 29.21
N LEU A 90 -20.32 -9.77 28.67
CA LEU A 90 -21.11 -10.50 27.71
C LEU A 90 -22.51 -10.91 28.23
N ILE A 91 -22.51 -11.49 29.44
CA ILE A 91 -23.75 -11.92 30.03
C ILE A 91 -24.75 -10.76 30.15
N ASP A 92 -24.25 -9.61 30.60
CA ASP A 92 -25.08 -8.43 30.79
C ASP A 92 -25.53 -7.86 29.47
N ALA A 93 -24.77 -8.08 28.40
CA ALA A 93 -25.05 -7.39 27.16
C ALA A 93 -25.91 -8.19 26.23
N THR A 94 -26.11 -9.49 26.50
CA THR A 94 -26.75 -10.37 25.50
C THR A 94 -27.79 -11.27 26.12
N PHE A 95 -28.46 -12.09 25.33
CA PHE A 95 -29.44 -13.05 25.87
C PHE A 95 -28.78 -14.12 26.75
N ALA A 96 -27.45 -14.18 26.76
CA ALA A 96 -26.72 -15.33 27.37
C ALA A 96 -26.64 -15.29 28.89
N ASP A 97 -26.54 -16.47 29.50
CA ASP A 97 -26.45 -16.63 30.93
C ASP A 97 -25.11 -17.14 31.33
N ARG A 98 -24.49 -17.93 30.46
CA ARG A 98 -23.18 -18.50 30.69
C ARG A 98 -22.31 -18.36 29.46
N VAL A 99 -20.99 -18.40 29.65
CA VAL A 99 -20.02 -18.26 28.54
C VAL A 99 -18.96 -19.31 28.61
N PHE A 100 -18.47 -19.73 27.45
CA PHE A 100 -17.30 -20.59 27.33
C PHE A 100 -16.33 -19.91 26.37
N PHE A 101 -15.07 -19.82 26.77
CA PHE A 101 -14.07 -19.18 25.92
C PHE A 101 -13.10 -20.14 25.26
N CYS A 102 -12.75 -19.81 23.99
CA CYS A 102 -11.75 -20.54 23.24
C CYS A 102 -10.94 -19.65 22.30
N ASN A 103 -10.18 -20.30 21.42
CA ASN A 103 -9.24 -19.55 20.56
C ASN A 103 -9.64 -19.14 19.18
N SER A 104 -10.85 -19.49 18.73
CA SER A 104 -11.22 -19.09 17.38
C SER A 104 -12.63 -19.36 17.13
N GLY A 105 -13.12 -18.82 16.02
CA GLY A 105 -14.49 -19.09 15.54
C GLY A 105 -14.78 -20.56 15.28
N ALA A 106 -13.90 -21.20 14.48
CA ALA A 106 -13.94 -22.65 14.31
C ALA A 106 -14.11 -23.40 15.66
N GLU A 107 -13.29 -23.10 16.67
CA GLU A 107 -13.42 -23.79 17.95
C GLU A 107 -14.75 -23.44 18.64
N ALA A 108 -15.25 -22.23 18.48
CA ALA A 108 -16.48 -21.84 19.15
C ALA A 108 -17.64 -22.59 18.56
N ASN A 109 -17.74 -22.67 17.23
CA ASN A 109 -18.70 -23.52 16.54
C ASN A 109 -18.57 -25.00 16.89
N GLU A 110 -17.34 -25.49 17.11
CA GLU A 110 -17.16 -26.88 17.51
C GLU A 110 -17.83 -27.06 18.86
N ALA A 111 -17.55 -26.16 19.79
CA ALA A 111 -18.21 -26.17 21.06
C ALA A 111 -19.72 -26.11 20.92
N ALA A 112 -20.24 -25.23 20.09
CA ALA A 112 -21.67 -25.08 20.01
C ALA A 112 -22.33 -26.36 19.52
N LEU A 113 -21.78 -26.93 18.45
CA LEU A 113 -22.37 -28.15 17.88
C LEU A 113 -22.27 -29.30 18.83
N LYS A 114 -21.11 -29.51 19.46
CA LYS A 114 -20.90 -30.57 20.50
C LYS A 114 -21.93 -30.38 21.63
N LEU A 115 -22.09 -29.15 22.11
CA LEU A 115 -23.04 -28.90 23.14
C LEU A 115 -24.35 -29.37 22.63
N ALA A 116 -24.69 -29.03 21.37
CA ALA A 116 -26.07 -29.35 20.93
C ALA A 116 -26.26 -30.86 20.90
N ARG A 117 -25.28 -31.57 20.36
CA ARG A 117 -25.33 -33.02 20.33
C ARG A 117 -25.51 -33.60 21.71
N LYS A 118 -24.76 -33.09 22.69
CA LYS A 118 -24.85 -33.61 24.02
C LYS A 118 -26.21 -33.33 24.66
N PHE A 119 -26.79 -32.17 24.36
CA PHE A 119 -28.01 -31.74 24.98
C PHE A 119 -29.15 -32.66 24.51
N ALA A 120 -29.08 -33.09 23.26
CA ALA A 120 -30.18 -33.87 22.74
C ALA A 120 -30.02 -35.26 23.24
N HIS A 121 -28.81 -35.79 23.21
CA HIS A 121 -28.55 -37.15 23.77
C HIS A 121 -29.04 -37.27 25.24
N ASP A 122 -29.00 -36.17 25.99
CA ASP A 122 -29.26 -36.14 27.43
C ASP A 122 -30.72 -35.86 27.83
N ARG A 123 -31.40 -35.08 27.03
CA ARG A 123 -32.79 -34.81 27.26
C ARG A 123 -33.73 -35.70 26.45
N TYR A 124 -33.30 -36.20 25.29
CA TYR A 124 -34.21 -36.92 24.40
C TYR A 124 -33.76 -38.33 24.09
N GLY A 125 -32.52 -38.50 23.71
CA GLY A 125 -32.07 -39.85 23.50
C GLY A 125 -31.03 -39.85 22.45
N SER A 126 -30.33 -40.96 22.35
CA SER A 126 -29.18 -40.95 21.47
C SER A 126 -29.49 -40.94 19.99
N HIS A 127 -30.75 -41.09 19.63
CA HIS A 127 -31.20 -41.07 18.25
C HIS A 127 -31.31 -39.67 17.65
N LYS A 128 -31.13 -38.63 18.44
CA LYS A 128 -31.44 -37.28 17.99
C LYS A 128 -30.10 -36.54 17.72
N SER A 129 -29.66 -36.57 16.47
CA SER A 129 -28.28 -36.18 16.16
C SER A 129 -28.13 -35.23 14.98
N GLY A 130 -29.22 -34.89 14.34
CA GLY A 130 -29.12 -34.22 13.09
C GLY A 130 -28.72 -32.79 13.27
N ILE A 131 -27.79 -32.36 12.42
CA ILE A 131 -27.44 -30.97 12.31
C ILE A 131 -27.91 -30.48 10.94
N VAL A 132 -28.66 -29.40 10.97
CA VAL A 132 -29.12 -28.77 9.72
C VAL A 132 -28.33 -27.46 9.66
N ALA A 133 -27.57 -27.28 8.56
CA ALA A 133 -26.91 -26.00 8.21
C ALA A 133 -27.33 -25.53 6.80
N PHE A 134 -26.66 -24.55 6.22
CA PHE A 134 -27.12 -24.06 4.94
C PHE A 134 -26.07 -24.04 3.89
N LYS A 135 -26.49 -24.18 2.63
CA LYS A 135 -25.59 -24.05 1.50
C LYS A 135 -24.85 -22.71 1.54
N ASN A 136 -23.57 -22.74 1.14
CA ASN A 136 -22.64 -21.60 1.28
C ASN A 136 -22.33 -21.12 2.69
N ALA A 137 -22.67 -21.90 3.72
CA ALA A 137 -22.32 -21.44 5.04
C ALA A 137 -20.82 -21.65 5.21
N PHE A 138 -20.21 -20.75 5.98
CA PHE A 138 -18.88 -20.97 6.45
C PHE A 138 -18.80 -20.97 7.98
N HIS A 139 -18.37 -22.07 8.54
CA HIS A 139 -18.30 -22.17 10.01
C HIS A 139 -16.92 -22.47 10.53
N GLY A 140 -15.91 -22.47 9.64
CA GLY A 140 -14.54 -22.76 10.05
C GLY A 140 -13.97 -23.97 9.34
N ARG A 141 -12.70 -24.30 9.66
CA ARG A 141 -11.95 -25.33 8.90
C ARG A 141 -11.60 -26.62 9.65
N THR A 142 -12.14 -26.83 10.84
CA THR A 142 -11.98 -28.17 11.41
C THR A 142 -12.83 -29.17 10.64
N LEU A 143 -12.63 -30.44 10.89
CA LEU A 143 -13.40 -31.46 10.13
C LEU A 143 -14.90 -31.28 10.37
N PHE A 144 -15.28 -31.18 11.64
CA PHE A 144 -16.65 -31.00 11.98
C PHE A 144 -17.19 -29.70 11.38
N THR A 145 -16.52 -28.58 11.60
CA THR A 145 -17.12 -27.31 11.19
C THR A 145 -17.11 -27.13 9.66
N VAL A 146 -16.18 -27.77 8.96
CA VAL A 146 -16.14 -27.66 7.50
C VAL A 146 -17.20 -28.58 6.86
N SER A 147 -17.58 -29.64 7.58
CA SER A 147 -18.69 -30.50 7.17
C SER A 147 -20.02 -29.82 7.43
N ALA A 148 -20.14 -29.01 8.48
CA ALA A 148 -21.31 -28.25 8.75
C ALA A 148 -21.35 -27.10 7.77
N GLY A 149 -20.19 -26.59 7.38
CA GLY A 149 -20.08 -25.51 6.43
C GLY A 149 -20.62 -26.04 5.12
N GLY A 150 -21.10 -25.14 4.27
CA GLY A 150 -21.79 -25.58 3.07
C GLY A 150 -21.08 -25.34 1.75
N GLN A 151 -19.77 -25.52 1.69
CA GLN A 151 -19.04 -25.47 0.46
C GLN A 151 -18.32 -26.79 0.25
N PRO A 152 -18.94 -27.72 -0.49
CA PRO A 152 -18.39 -29.08 -0.60
C PRO A 152 -16.94 -29.13 -1.13
N ALA A 153 -16.52 -28.07 -1.81
CA ALA A 153 -15.17 -28.06 -2.30
C ALA A 153 -14.15 -28.08 -1.13
N TYR A 154 -14.52 -27.53 0.00
CA TYR A 154 -13.60 -27.50 1.14
C TYR A 154 -13.68 -28.77 2.00
N SER A 155 -14.70 -29.58 1.80
CA SER A 155 -14.85 -30.82 2.56
C SER A 155 -14.55 -32.16 1.80
N GLN A 156 -14.70 -32.20 0.47
CA GLN A 156 -14.59 -33.42 -0.32
C GLN A 156 -13.39 -34.27 0.03
N ASP A 157 -12.22 -33.67 0.08
CA ASP A 157 -11.01 -34.44 0.11
C ASP A 157 -10.75 -35.11 1.41
N PHE A 158 -11.45 -34.72 2.43
CA PHE A 158 -11.12 -35.16 3.75
C PHE A 158 -11.98 -36.29 4.28
N ALA A 159 -12.89 -36.77 3.42
CA ALA A 159 -13.86 -37.85 3.74
C ALA A 159 -13.18 -39.14 4.29
N PRO A 160 -13.88 -39.93 5.14
CA PRO A 160 -15.28 -39.85 5.58
C PRO A 160 -15.63 -38.75 6.62
N LEU A 161 -16.65 -37.95 6.31
CA LEU A 161 -17.02 -36.80 7.13
C LEU A 161 -17.98 -37.16 8.26
N PRO A 162 -17.95 -36.42 9.38
CA PRO A 162 -18.92 -36.82 10.40
C PRO A 162 -20.28 -36.86 9.75
N ALA A 163 -21.09 -37.85 10.13
CA ALA A 163 -22.40 -38.09 9.57
C ALA A 163 -23.48 -37.20 10.17
N ASP A 164 -24.71 -37.29 9.63
CA ASP A 164 -25.89 -36.58 10.13
C ASP A 164 -25.83 -35.05 10.05
N ILE A 165 -25.22 -34.56 9.00
CA ILE A 165 -25.27 -33.14 8.67
C ILE A 165 -25.99 -33.04 7.34
N ARG A 166 -26.97 -32.15 7.24
CA ARG A 166 -27.68 -31.87 5.98
C ARG A 166 -27.68 -30.40 5.75
N HIS A 167 -27.70 -30.03 4.47
CA HIS A 167 -27.76 -28.59 4.11
C HIS A 167 -28.98 -28.16 3.42
N ALA A 168 -29.70 -27.19 4.00
CA ALA A 168 -30.84 -26.54 3.31
C ALA A 168 -30.39 -25.31 2.56
N ALA A 169 -31.27 -24.76 1.70
CA ALA A 169 -30.95 -23.54 0.91
C ALA A 169 -31.09 -22.35 1.82
N TYR A 170 -30.08 -21.49 1.91
CA TYR A 170 -30.16 -20.27 2.76
C TYR A 170 -31.36 -19.44 2.36
N ASN A 171 -32.01 -18.86 3.35
CA ASN A 171 -33.17 -17.99 3.11
C ASN A 171 -34.35 -18.72 2.53
N ASP A 172 -34.32 -20.04 2.50
CA ASP A 172 -35.50 -20.82 2.11
C ASP A 172 -36.20 -21.64 3.27
N ILE A 173 -37.24 -21.07 3.84
CA ILE A 173 -37.88 -21.69 4.97
C ILE A 173 -38.38 -23.12 4.66
N ASN A 174 -38.74 -23.38 3.40
CA ASN A 174 -39.27 -24.68 3.02
C ASN A 174 -38.19 -25.71 2.88
N SER A 175 -37.04 -25.27 2.41
CA SER A 175 -35.87 -26.09 2.34
C SER A 175 -35.51 -26.57 3.79
N ALA A 176 -35.54 -25.65 4.74
CA ALA A 176 -35.19 -25.98 6.10
C ALA A 176 -36.24 -26.91 6.70
N SER A 177 -37.54 -26.64 6.48
CA SER A 177 -38.56 -27.51 7.15
C SER A 177 -38.53 -28.91 6.63
N ALA A 178 -38.17 -29.06 5.35
CA ALA A 178 -37.92 -30.40 4.79
C ALA A 178 -36.89 -31.23 5.58
N LEU A 179 -35.89 -30.58 6.18
CA LEU A 179 -34.79 -31.28 6.81
C LEU A 179 -34.89 -31.22 8.34
N ILE A 180 -35.51 -30.19 8.87
CA ILE A 180 -35.65 -30.12 10.30
C ILE A 180 -36.81 -31.02 10.78
N ASP A 181 -36.50 -31.99 11.64
CA ASP A 181 -37.53 -32.80 12.32
C ASP A 181 -37.13 -33.16 13.78
N ASP A 182 -37.84 -34.12 14.38
CA ASP A 182 -37.66 -34.46 15.79
C ASP A 182 -36.32 -35.05 16.06
N SER A 183 -35.65 -35.54 15.02
CA SER A 183 -34.28 -36.05 15.09
C SER A 183 -33.19 -34.98 15.04
N THR A 184 -33.56 -33.71 14.83
CA THR A 184 -32.57 -32.68 14.70
C THR A 184 -32.20 -32.24 16.09
N CYS A 185 -30.90 -32.12 16.35
CA CYS A 185 -30.45 -31.54 17.60
C CYS A 185 -30.09 -30.08 17.43
N ALA A 186 -29.69 -29.67 16.24
CA ALA A 186 -29.18 -28.33 16.06
C ALA A 186 -29.46 -27.76 14.68
N VAL A 187 -29.80 -26.47 14.66
CA VAL A 187 -29.85 -25.72 13.41
C VAL A 187 -28.81 -24.63 13.50
N ILE A 188 -27.73 -24.70 12.72
CA ILE A 188 -26.72 -23.62 12.79
C ILE A 188 -26.83 -22.60 11.62
N VAL A 189 -26.91 -21.32 11.93
CA VAL A 189 -27.09 -20.36 10.83
C VAL A 189 -26.29 -19.07 11.04
N GLU A 190 -25.76 -18.51 9.93
CA GLU A 190 -25.15 -17.18 9.94
C GLU A 190 -26.29 -16.18 9.73
N PRO A 191 -26.43 -15.17 10.60
CA PRO A 191 -27.40 -14.16 10.31
C PRO A 191 -27.09 -13.37 9.01
N ILE A 192 -25.84 -13.35 8.58
CA ILE A 192 -25.49 -12.81 7.27
C ILE A 192 -24.41 -13.75 6.76
N GLN A 193 -24.58 -14.32 5.58
CA GLN A 193 -23.50 -15.21 5.08
C GLN A 193 -22.32 -14.39 4.59
N GLY A 194 -21.20 -14.57 5.23
CA GLY A 194 -20.02 -13.79 4.95
C GLY A 194 -19.20 -14.30 3.79
N GLU A 195 -18.54 -15.43 3.96
CA GLU A 195 -17.65 -15.93 2.95
C GLU A 195 -18.48 -16.26 1.72
N GLY A 196 -19.77 -16.56 1.94
CA GLY A 196 -20.71 -16.91 0.85
C GLY A 196 -21.47 -15.75 0.19
N GLY A 197 -20.83 -14.61 -0.01
CA GLY A 197 -21.44 -13.55 -0.82
C GLY A 197 -22.05 -12.39 -0.08
N VAL A 198 -21.77 -12.29 1.22
CA VAL A 198 -22.39 -11.24 2.05
C VAL A 198 -23.90 -11.22 1.82
N VAL A 199 -24.58 -12.33 2.16
CA VAL A 199 -26.01 -12.47 1.88
C VAL A 199 -26.81 -12.36 3.18
N PRO A 200 -27.62 -11.30 3.32
CA PRO A 200 -28.27 -11.19 4.65
C PRO A 200 -29.43 -12.15 4.80
N ALA A 201 -29.72 -12.52 6.03
CA ALA A 201 -30.88 -13.31 6.28
C ALA A 201 -32.08 -12.38 6.14
N SER A 202 -33.18 -12.90 5.62
CA SER A 202 -34.43 -12.17 5.72
C SER A 202 -35.01 -12.31 7.12
N ASN A 203 -35.74 -11.30 7.60
CA ASN A 203 -36.39 -11.39 8.94
C ASN A 203 -37.30 -12.67 9.15
N ALA A 204 -38.10 -12.98 8.13
CA ALA A 204 -38.95 -14.19 8.07
C ALA A 204 -38.16 -15.46 8.27
N PHE A 205 -37.05 -15.57 7.56
CA PHE A 205 -36.24 -16.77 7.60
C PHE A 205 -35.78 -17.06 9.05
N LEU A 206 -35.31 -16.05 9.78
CA LEU A 206 -34.85 -16.35 11.15
C LEU A 206 -36.03 -16.55 12.12
N GLN A 207 -37.15 -15.85 11.92
CA GLN A 207 -38.35 -16.19 12.70
C GLN A 207 -38.73 -17.66 12.45
N GLY A 208 -38.63 -18.08 11.19
CA GLY A 208 -39.11 -19.34 10.80
C GLY A 208 -38.27 -20.43 11.41
N LEU A 209 -36.96 -20.27 11.36
CA LEU A 209 -36.03 -21.19 11.94
C LEU A 209 -36.28 -21.28 13.45
N ARG A 210 -36.45 -20.14 14.10
CA ARG A 210 -36.73 -20.16 15.54
C ARG A 210 -37.96 -20.99 15.81
N GLU A 211 -39.01 -20.87 14.99
CA GLU A 211 -40.24 -21.61 15.24
C GLU A 211 -40.00 -23.10 15.04
N LEU A 212 -39.39 -23.46 13.92
CA LEU A 212 -39.02 -24.82 13.63
C LEU A 212 -38.17 -25.41 14.78
N CYS A 213 -37.24 -24.62 15.31
CA CYS A 213 -36.44 -25.11 16.42
C CYS A 213 -37.33 -25.44 17.59
N ASN A 214 -38.13 -24.48 18.05
CA ASN A 214 -39.10 -24.66 19.15
C ASN A 214 -40.00 -25.86 18.93
N ARG A 215 -40.68 -25.90 17.82
CA ARG A 215 -41.56 -26.99 17.48
C ARG A 215 -40.88 -28.34 17.58
N HIS A 216 -39.63 -28.47 17.18
CA HIS A 216 -38.98 -29.80 17.08
C HIS A 216 -37.91 -30.09 18.10
N ASN A 217 -37.78 -29.19 19.09
CA ASN A 217 -36.74 -29.28 20.09
C ASN A 217 -35.31 -29.44 19.60
N ALA A 218 -34.91 -28.63 18.62
CA ALA A 218 -33.52 -28.48 18.27
C ALA A 218 -33.02 -27.14 18.84
N LEU A 219 -31.74 -27.08 19.12
CA LEU A 219 -31.18 -25.79 19.50
C LEU A 219 -30.90 -24.95 18.27
N LEU A 220 -31.23 -23.67 18.35
CA LEU A 220 -30.87 -22.74 17.29
C LEU A 220 -29.51 -22.07 17.64
N ILE A 221 -28.53 -22.28 16.76
CA ILE A 221 -27.23 -21.66 16.91
C ILE A 221 -27.02 -20.58 15.84
N PHE A 222 -26.77 -19.35 16.27
CA PHE A 222 -26.35 -18.27 15.37
C PHE A 222 -24.87 -18.14 15.42
N ASP A 223 -24.22 -18.39 14.28
CA ASP A 223 -22.77 -18.14 14.09
C ASP A 223 -22.59 -16.66 13.73
N GLU A 224 -22.41 -15.85 14.76
CA GLU A 224 -22.10 -14.46 14.56
C GLU A 224 -20.59 -14.20 14.60
N VAL A 225 -19.77 -15.09 14.06
CA VAL A 225 -18.35 -14.87 14.19
C VAL A 225 -17.98 -13.74 13.31
N GLN A 226 -18.60 -13.68 12.13
CA GLN A 226 -18.34 -12.58 11.22
C GLN A 226 -19.25 -11.36 11.44
N THR A 227 -20.47 -11.59 11.89
CA THR A 227 -21.40 -10.48 12.08
C THR A 227 -21.40 -9.86 13.47
N GLY A 228 -20.78 -10.50 14.46
CA GLY A 228 -20.88 -9.99 15.85
C GLY A 228 -19.97 -8.79 16.18
N VAL A 229 -20.11 -8.30 17.40
CA VAL A 229 -19.31 -7.23 17.96
C VAL A 229 -19.37 -5.98 17.10
N GLY A 230 -20.58 -5.42 17.04
CA GLY A 230 -20.84 -4.12 16.41
C GLY A 230 -21.01 -4.13 14.89
N ARG A 231 -20.65 -5.23 14.23
CA ARG A 231 -20.48 -5.14 12.80
C ARG A 231 -21.76 -4.65 12.09
N THR A 232 -22.92 -4.93 12.68
CA THR A 232 -24.13 -4.65 11.97
C THR A 232 -24.75 -3.28 12.36
N GLY A 233 -24.18 -2.59 13.35
CA GLY A 233 -24.84 -1.40 13.89
C GLY A 233 -25.43 -1.69 15.24
N GLU A 234 -25.63 -2.96 15.58
CA GLU A 234 -25.98 -3.37 16.95
C GLU A 234 -24.87 -4.29 17.49
N LEU A 235 -24.82 -4.53 18.79
CA LEU A 235 -23.77 -5.41 19.32
C LEU A 235 -23.75 -6.77 18.55
N TYR A 236 -24.92 -7.39 18.35
CA TYR A 236 -24.96 -8.61 17.58
C TYR A 236 -26.11 -8.53 16.57
N ALA A 237 -26.02 -9.30 15.48
CA ALA A 237 -27.11 -9.31 14.50
C ALA A 237 -28.46 -9.80 15.05
N TYR A 238 -28.43 -10.73 16.00
CA TYR A 238 -29.67 -11.25 16.56
C TYR A 238 -30.53 -10.07 17.12
N MET A 239 -29.87 -9.04 17.60
CA MET A 239 -30.57 -7.86 18.08
C MET A 239 -31.23 -7.10 16.92
N HIS A 240 -30.52 -6.89 15.82
CA HIS A 240 -31.14 -6.29 14.68
C HIS A 240 -32.38 -7.07 14.25
N TYR A 241 -32.31 -8.39 14.23
CA TYR A 241 -33.40 -9.18 13.68
C TYR A 241 -34.58 -9.40 14.65
N GLY A 242 -34.34 -9.29 15.94
CA GLY A 242 -35.38 -9.56 16.90
C GLY A 242 -35.53 -11.02 17.27
N VAL A 243 -34.64 -11.87 16.77
CA VAL A 243 -34.73 -13.30 17.06
C VAL A 243 -33.66 -13.82 17.99
N THR A 244 -34.07 -14.51 19.05
CA THR A 244 -33.09 -14.98 20.01
C THR A 244 -32.70 -16.46 19.81
N PRO A 245 -31.39 -16.73 19.66
CA PRO A 245 -30.97 -18.10 19.46
C PRO A 245 -30.85 -18.76 20.80
N ASP A 246 -30.55 -20.05 20.78
CA ASP A 246 -30.25 -20.77 22.00
C ASP A 246 -28.76 -20.69 22.30
N LEU A 247 -27.94 -20.77 21.22
CA LEU A 247 -26.49 -20.65 21.29
C LEU A 247 -26.01 -19.62 20.31
N LEU A 248 -25.00 -18.84 20.70
CA LEU A 248 -24.41 -17.81 19.83
C LEU A 248 -22.90 -17.94 19.85
N THR A 249 -22.30 -18.09 18.66
CA THR A 249 -20.83 -18.11 18.63
C THR A 249 -20.31 -16.76 18.16
N THR A 250 -19.20 -16.35 18.71
CA THR A 250 -18.62 -15.06 18.39
C THR A 250 -17.11 -15.27 18.47
N ALA A 251 -16.39 -14.54 17.64
CA ALA A 251 -14.93 -14.59 17.66
C ALA A 251 -14.51 -13.32 16.93
N LYS A 252 -13.36 -13.31 16.29
CA LYS A 252 -13.03 -12.27 15.27
C LYS A 252 -12.89 -10.89 15.89
N ALA A 253 -13.87 -10.00 15.66
CA ALA A 253 -13.78 -8.64 16.23
C ALA A 253 -13.67 -8.68 17.75
N LEU A 254 -14.21 -9.75 18.35
CA LEU A 254 -14.25 -9.83 19.79
C LEU A 254 -12.87 -9.51 20.40
N GLY A 255 -11.77 -10.03 19.82
CA GLY A 255 -10.41 -9.77 20.35
C GLY A 255 -9.63 -8.68 19.58
N GLY A 256 -10.34 -7.96 18.70
CA GLY A 256 -9.79 -6.91 17.87
C GLY A 256 -8.41 -7.15 17.28
N GLY A 257 -8.04 -8.41 17.06
CA GLY A 257 -6.76 -8.76 16.45
C GLY A 257 -6.10 -9.88 17.19
N PHE A 258 -6.47 -10.05 18.46
CA PHE A 258 -5.87 -11.10 19.26
C PHE A 258 -6.78 -12.30 19.12
N PRO A 259 -6.24 -13.51 18.86
CA PRO A 259 -7.14 -14.69 18.64
C PRO A 259 -8.01 -15.08 19.84
N VAL A 260 -9.33 -15.10 19.69
CA VAL A 260 -10.23 -15.44 20.82
C VAL A 260 -11.60 -15.81 20.25
N GLY A 261 -12.28 -16.76 20.85
CA GLY A 261 -13.67 -17.05 20.50
C GLY A 261 -14.49 -17.37 21.72
N ALA A 262 -15.81 -17.27 21.58
CA ALA A 262 -16.69 -17.46 22.71
C ALA A 262 -17.95 -18.17 22.28
N LEU A 263 -18.46 -19.02 23.18
CA LEU A 263 -19.79 -19.58 23.02
C LEU A 263 -20.67 -18.96 24.07
N LEU A 264 -21.72 -18.28 23.65
CA LEU A 264 -22.68 -17.71 24.59
C LEU A 264 -23.83 -18.66 24.60
N ALA A 265 -24.35 -18.93 25.80
CA ALA A 265 -25.38 -19.93 26.00
C ALA A 265 -26.42 -19.52 27.06
N THR A 266 -27.65 -20.00 26.90
CA THR A 266 -28.66 -19.91 27.98
C THR A 266 -28.27 -20.85 29.12
N GLU A 267 -28.70 -20.50 30.35
CA GLU A 267 -28.53 -21.32 31.59
C GLU A 267 -28.92 -22.81 31.32
N GLU A 268 -30.11 -23.04 30.76
CA GLU A 268 -30.58 -24.40 30.39
C GLU A 268 -29.63 -25.25 29.57
N CYS A 269 -28.99 -24.66 28.56
CA CYS A 269 -28.05 -25.37 27.66
C CYS A 269 -26.68 -25.64 28.33
N ALA A 270 -26.13 -24.60 28.97
CA ALA A 270 -24.83 -24.68 29.59
C ALA A 270 -24.82 -25.85 30.55
N ARG A 271 -25.88 -25.96 31.36
CA ARG A 271 -25.97 -26.90 32.45
C ARG A 271 -25.54 -28.28 32.00
N VAL A 272 -25.69 -28.55 30.72
CA VAL A 272 -25.46 -29.87 30.26
C VAL A 272 -23.97 -30.21 30.05
N MET A 273 -23.13 -29.20 29.81
CA MET A 273 -21.70 -29.41 29.60
C MET A 273 -21.02 -29.56 30.95
N THR A 274 -20.88 -30.78 31.42
CA THR A 274 -20.32 -31.01 32.74
C THR A 274 -18.79 -31.16 32.67
N VAL A 275 -18.16 -31.28 33.84
CA VAL A 275 -16.68 -31.29 33.93
C VAL A 275 -16.05 -32.35 33.07
N GLY A 276 -15.05 -31.95 32.29
CA GLY A 276 -14.30 -32.88 31.43
C GLY A 276 -15.00 -33.17 30.10
N THR A 277 -16.23 -32.71 29.89
CA THR A 277 -16.90 -33.00 28.64
C THR A 277 -16.39 -32.21 27.43
N HIS A 278 -15.75 -31.08 27.69
CA HIS A 278 -15.07 -30.30 26.67
C HIS A 278 -13.97 -29.56 27.36
N GLY A 279 -13.22 -28.80 26.58
CA GLY A 279 -12.14 -28.00 27.13
C GLY A 279 -11.24 -27.39 26.08
N THR A 280 -10.39 -26.46 26.51
CA THR A 280 -9.32 -25.90 25.69
C THR A 280 -8.19 -25.50 26.61
N THR A 281 -6.97 -25.50 26.06
CA THR A 281 -5.76 -25.16 26.85
C THR A 281 -5.61 -23.65 26.99
N TYR A 282 -5.84 -22.89 25.90
CA TYR A 282 -5.58 -21.45 25.90
C TYR A 282 -6.81 -20.60 26.14
N GLY A 283 -7.97 -21.19 25.91
CA GLY A 283 -9.23 -20.43 25.93
C GLY A 283 -9.43 -19.78 27.29
N GLY A 284 -9.83 -18.51 27.28
CA GLY A 284 -10.08 -17.77 28.49
C GLY A 284 -8.85 -17.28 29.20
N ASN A 285 -7.72 -17.30 28.52
CA ASN A 285 -6.48 -16.82 29.14
C ASN A 285 -6.53 -15.30 29.45
N PRO A 286 -5.78 -14.89 30.49
CA PRO A 286 -5.81 -13.50 30.97
C PRO A 286 -5.58 -12.49 29.86
N LEU A 287 -4.60 -12.74 29.01
CA LEU A 287 -4.20 -11.79 27.98
C LEU A 287 -5.36 -11.51 27.02
N ALA A 288 -5.87 -12.60 26.40
CA ALA A 288 -6.95 -12.51 25.43
C ALA A 288 -8.16 -11.81 26.04
N SER A 289 -8.39 -12.12 27.31
CA SER A 289 -9.57 -11.63 28.06
C SER A 289 -9.43 -10.17 28.42
N ALA A 290 -8.22 -9.74 28.77
CA ALA A 290 -7.97 -8.34 28.99
C ALA A 290 -8.17 -7.55 27.73
N VAL A 291 -7.75 -8.06 26.57
CA VAL A 291 -7.94 -7.32 25.35
C VAL A 291 -9.42 -7.29 24.94
N ALA A 292 -10.10 -8.44 24.90
CA ALA A 292 -11.51 -8.45 24.43
C ALA A 292 -12.32 -7.60 25.33
N GLY A 293 -11.97 -7.59 26.63
CA GLY A 293 -12.65 -6.74 27.62
C GLY A 293 -12.63 -5.25 27.25
N LYS A 294 -11.43 -4.78 26.93
CA LYS A 294 -11.26 -3.46 26.45
C LYS A 294 -12.04 -3.28 25.14
N VAL A 295 -11.93 -4.23 24.20
CA VAL A 295 -12.68 -4.10 22.98
C VAL A 295 -14.17 -3.85 23.20
N LEU A 296 -14.77 -4.66 24.09
CA LEU A 296 -16.21 -4.61 24.31
C LEU A 296 -16.56 -3.26 24.85
N GLU A 297 -15.75 -2.81 25.80
CA GLU A 297 -15.93 -1.51 26.43
C GLU A 297 -15.89 -0.38 25.38
N LEU A 298 -14.96 -0.41 24.45
CA LEU A 298 -14.89 0.61 23.37
C LEU A 298 -15.99 0.49 22.29
N ILE A 299 -16.33 -0.76 21.92
CA ILE A 299 -17.28 -0.98 20.85
C ILE A 299 -18.70 -0.86 21.34
N ASN A 300 -18.98 -1.34 22.56
CA ASN A 300 -20.38 -1.40 23.05
C ASN A 300 -20.80 -0.10 23.74
N THR A 301 -20.98 0.95 22.91
CA THR A 301 -21.32 2.33 23.29
C THR A 301 -22.24 2.84 22.17
N PRO A 302 -23.22 3.68 22.50
CA PRO A 302 -24.11 4.20 21.44
C PRO A 302 -23.40 5.09 20.41
N GLU A 303 -22.33 5.78 20.81
CA GLU A 303 -21.60 6.63 19.85
C GLU A 303 -20.88 5.79 18.78
N MET A 304 -20.27 4.64 19.15
CA MET A 304 -19.69 3.68 18.16
C MET A 304 -20.72 3.02 17.29
N LEU A 305 -21.70 2.39 17.94
CA LEU A 305 -22.71 1.61 17.27
C LEU A 305 -23.47 2.47 16.30
N ASN A 306 -23.88 3.65 16.77
CA ASN A 306 -24.49 4.62 15.86
C ASN A 306 -23.55 5.08 14.78
N GLY A 307 -22.29 5.35 15.13
CA GLY A 307 -21.26 5.52 14.12
C GLY A 307 -21.10 4.41 13.07
N VAL A 308 -21.57 3.19 13.37
CA VAL A 308 -21.42 2.14 12.42
C VAL A 308 -22.48 2.37 11.36
N LYS A 309 -23.67 2.81 11.78
CA LYS A 309 -24.78 2.97 10.84
C LYS A 309 -24.45 4.15 9.97
N GLN A 310 -23.83 5.17 10.57
CA GLN A 310 -23.45 6.36 9.83
C GLN A 310 -22.49 5.97 8.68
N ARG A 311 -21.45 5.21 9.05
CA ARG A 311 -20.44 4.72 8.10
C ARG A 311 -21.05 3.82 7.04
N HIS A 312 -22.10 3.07 7.40
CA HIS A 312 -22.75 2.25 6.42
C HIS A 312 -23.22 3.12 5.31
N ASP A 313 -23.72 4.30 5.66
CA ASP A 313 -24.35 5.18 4.68
C ASP A 313 -23.31 5.82 3.82
N TRP A 314 -22.16 6.18 4.43
CA TRP A 314 -21.03 6.69 3.66
C TRP A 314 -20.64 5.71 2.61
N PHE A 315 -20.46 4.46 3.01
CA PHE A 315 -20.08 3.42 2.08
C PHE A 315 -21.12 3.25 0.98
N VAL A 316 -22.39 3.10 1.34
CA VAL A 316 -23.38 2.73 0.36
C VAL A 316 -23.58 3.85 -0.66
N GLU A 317 -23.80 5.08 -0.17
CA GLU A 317 -23.91 6.26 -1.05
C GLU A 317 -22.79 6.35 -2.10
N ARG A 318 -21.55 6.40 -1.64
CA ARG A 318 -20.42 6.45 -2.53
C ARG A 318 -20.26 5.19 -3.40
N LEU A 319 -20.59 4.00 -2.92
CA LEU A 319 -20.47 2.84 -3.78
C LEU A 319 -21.46 2.92 -4.93
N ASN A 320 -22.61 3.58 -4.70
CA ASN A 320 -23.62 3.63 -5.76
C ASN A 320 -23.24 4.66 -6.80
N THR A 321 -22.76 5.83 -6.36
CA THR A 321 -22.22 6.83 -7.23
C THR A 321 -21.29 6.14 -8.19
N ILE A 322 -20.27 5.50 -7.63
CA ILE A 322 -19.32 4.60 -8.35
C ILE A 322 -19.98 3.57 -9.27
N ASN A 323 -20.96 2.86 -8.79
CA ASN A 323 -21.55 1.85 -9.62
C ASN A 323 -22.35 2.49 -10.78
N HIS A 324 -22.99 3.64 -10.53
CA HIS A 324 -23.74 4.35 -11.57
C HIS A 324 -22.80 4.75 -12.70
N ARG A 325 -21.55 5.10 -12.36
CA ARG A 325 -20.57 5.51 -13.36
C ARG A 325 -20.03 4.32 -14.14
N TYR A 326 -19.74 3.22 -13.45
CA TYR A 326 -19.00 2.14 -14.08
C TYR A 326 -19.74 0.85 -14.31
N GLY A 327 -20.94 0.68 -13.72
CA GLY A 327 -21.84 -0.44 -14.01
C GLY A 327 -21.32 -1.88 -13.79
N LEU A 328 -20.43 -2.05 -12.79
CA LEU A 328 -19.90 -3.35 -12.33
C LEU A 328 -20.89 -4.21 -11.55
N PHE A 329 -21.65 -3.56 -10.67
CA PHE A 329 -22.40 -4.29 -9.66
C PHE A 329 -23.88 -4.27 -9.89
N SER A 330 -24.51 -5.44 -9.81
CA SER A 330 -25.97 -5.54 -9.93
C SER A 330 -26.72 -5.06 -8.67
N GLU A 331 -26.04 -5.07 -7.51
CA GLU A 331 -26.65 -4.78 -6.22
C GLU A 331 -25.55 -4.48 -5.20
N VAL A 332 -25.89 -3.70 -4.17
CA VAL A 332 -25.00 -3.49 -3.02
C VAL A 332 -25.72 -3.95 -1.75
N ARG A 333 -25.17 -4.91 -1.05
CA ARG A 333 -25.94 -5.55 0.00
C ARG A 333 -25.10 -5.75 1.24
N GLY A 334 -25.78 -5.99 2.36
CA GLY A 334 -25.10 -6.23 3.61
C GLY A 334 -25.75 -5.40 4.68
N LEU A 335 -25.08 -5.27 5.82
CA LEU A 335 -25.64 -4.61 6.96
C LEU A 335 -24.50 -3.94 7.68
N GLY A 336 -24.73 -2.76 8.27
CA GLY A 336 -23.68 -2.03 8.96
C GLY A 336 -22.44 -2.06 8.12
N LEU A 337 -21.35 -2.55 8.68
CA LEU A 337 -20.07 -2.49 7.98
C LEU A 337 -19.59 -3.86 7.50
N LEU A 338 -20.54 -4.73 7.20
CA LEU A 338 -20.28 -5.90 6.38
C LEU A 338 -21.06 -5.71 5.06
N ILE A 339 -20.36 -5.33 3.99
CA ILE A 339 -21.00 -4.90 2.75
C ILE A 339 -20.47 -5.65 1.54
N GLY A 340 -21.36 -6.00 0.64
CA GLY A 340 -21.01 -6.79 -0.57
C GLY A 340 -21.50 -6.09 -1.85
N CYS A 341 -20.61 -5.94 -2.82
CA CYS A 341 -20.98 -5.43 -4.12
C CYS A 341 -21.02 -6.64 -5.02
N VAL A 342 -22.22 -6.99 -5.49
CA VAL A 342 -22.42 -8.19 -6.29
C VAL A 342 -22.28 -7.83 -7.75
N LEU A 343 -21.41 -8.54 -8.45
CA LEU A 343 -21.14 -8.26 -9.86
C LEU A 343 -22.32 -8.66 -10.76
N ASN A 344 -22.64 -7.82 -11.75
CA ASN A 344 -23.65 -8.20 -12.75
C ASN A 344 -23.02 -9.12 -13.78
N ALA A 345 -23.84 -9.81 -14.59
CA ALA A 345 -23.37 -11.02 -15.31
C ALA A 345 -22.21 -10.75 -16.29
N ASP A 346 -22.11 -9.49 -16.75
CA ASP A 346 -21.02 -9.11 -17.62
C ASP A 346 -19.67 -9.42 -16.99
N TYR A 347 -19.60 -9.29 -15.67
CA TYR A 347 -18.32 -9.39 -14.97
C TYR A 347 -18.25 -10.56 -14.00
N ALA A 348 -19.20 -11.47 -14.10
CA ALA A 348 -19.24 -12.58 -13.16
C ALA A 348 -17.87 -13.25 -12.96
N GLY A 349 -17.53 -13.59 -11.72
CA GLY A 349 -16.37 -14.43 -11.44
C GLY A 349 -15.07 -13.69 -11.39
N GLN A 350 -15.14 -12.36 -11.51
CA GLN A 350 -13.94 -11.50 -11.55
C GLN A 350 -13.72 -10.60 -10.31
N ALA A 351 -14.30 -11.01 -9.18
CA ALA A 351 -14.17 -10.26 -7.96
C ALA A 351 -12.70 -10.20 -7.58
N LYS A 352 -11.99 -11.31 -7.78
CA LYS A 352 -10.61 -11.38 -7.40
C LYS A 352 -9.76 -10.40 -8.14
N GLN A 353 -10.03 -10.25 -9.42
CA GLN A 353 -9.30 -9.30 -10.25
C GLN A 353 -9.57 -7.87 -9.79
N ILE A 354 -10.80 -7.58 -9.46
CA ILE A 354 -11.08 -6.24 -8.97
C ILE A 354 -10.32 -5.98 -7.66
N SER A 355 -10.24 -7.01 -6.84
CA SER A 355 -9.55 -6.93 -5.57
C SER A 355 -8.06 -6.65 -5.80
N GLN A 356 -7.47 -7.28 -6.81
CA GLN A 356 -6.10 -7.04 -7.19
C GLN A 356 -5.84 -5.67 -7.80
N GLU A 357 -6.80 -5.19 -8.59
CA GLU A 357 -6.76 -3.83 -9.06
C GLU A 357 -6.81 -2.88 -7.86
N ALA A 358 -7.75 -3.08 -6.93
CA ALA A 358 -7.82 -2.27 -5.72
C ALA A 358 -6.49 -2.23 -4.99
N ALA A 359 -5.83 -3.37 -4.83
CA ALA A 359 -4.53 -3.40 -4.14
C ALA A 359 -3.51 -2.51 -4.85
N LYS A 360 -3.46 -2.58 -6.17
CA LYS A 360 -2.57 -1.71 -6.95
C LYS A 360 -2.86 -0.21 -6.72
N ALA A 361 -4.14 0.17 -6.72
CA ALA A 361 -4.57 1.51 -6.34
C ALA A 361 -4.39 1.88 -4.83
N GLY A 362 -3.98 0.94 -4.00
CA GLY A 362 -3.67 1.28 -2.65
C GLY A 362 -4.84 1.18 -1.69
N VAL A 363 -5.81 0.32 -2.00
CA VAL A 363 -6.89 0.00 -1.06
C VAL A 363 -7.09 -1.54 -1.00
N MET A 364 -7.24 -2.08 0.20
CA MET A 364 -7.44 -3.50 0.42
C MET A 364 -8.91 -3.80 0.60
N VAL A 365 -9.51 -4.59 -0.30
CA VAL A 365 -10.87 -5.06 -0.17
C VAL A 365 -10.84 -6.56 -0.18
N LEU A 366 -11.94 -7.21 0.16
CA LEU A 366 -11.96 -8.69 0.06
C LEU A 366 -12.89 -9.16 -1.04
N ILE A 367 -12.95 -10.49 -1.19
CA ILE A 367 -14.00 -11.11 -2.01
C ILE A 367 -14.86 -12.01 -1.12
N ALA A 368 -15.90 -12.57 -1.69
CA ALA A 368 -16.80 -13.45 -0.96
C ALA A 368 -17.38 -14.34 -2.03
N GLY A 369 -16.51 -15.22 -2.56
CA GLY A 369 -16.82 -15.92 -3.80
C GLY A 369 -16.36 -15.02 -4.94
N GLY A 370 -16.18 -15.62 -6.11
CA GLY A 370 -15.73 -14.92 -7.31
C GLY A 370 -16.69 -13.83 -7.76
N ASN A 371 -17.89 -13.78 -7.17
CA ASN A 371 -18.87 -12.81 -7.63
C ASN A 371 -19.16 -11.59 -6.80
N VAL A 372 -18.38 -11.35 -5.74
CA VAL A 372 -18.73 -10.31 -4.77
C VAL A 372 -17.49 -9.68 -4.17
N VAL A 373 -17.50 -8.36 -4.16
CA VAL A 373 -16.38 -7.65 -3.58
C VAL A 373 -16.84 -7.24 -2.19
N ARG A 374 -16.09 -7.63 -1.18
CA ARG A 374 -16.58 -7.53 0.19
C ARG A 374 -15.84 -6.43 0.93
N PHE A 375 -16.57 -5.63 1.70
CA PHE A 375 -15.94 -4.55 2.52
C PHE A 375 -16.17 -4.83 4.01
N ALA A 376 -15.11 -4.81 4.82
CA ALA A 376 -15.29 -5.04 6.28
C ALA A 376 -14.37 -4.15 7.03
N PRO A 377 -14.53 -2.85 6.87
CA PRO A 377 -13.55 -1.93 7.50
C PRO A 377 -13.70 -1.86 9.01
N ALA A 378 -12.69 -1.34 9.72
CA ALA A 378 -12.75 -1.10 11.14
C ALA A 378 -13.97 -0.25 11.43
N LEU A 379 -14.56 -0.43 12.62
CA LEU A 379 -15.80 0.26 13.00
C LEU A 379 -15.56 1.73 13.33
N ASN A 380 -14.32 2.06 13.69
CA ASN A 380 -14.00 3.40 14.04
C ASN A 380 -13.31 4.00 12.85
N VAL A 381 -13.61 3.48 11.65
CA VAL A 381 -12.98 4.05 10.38
C VAL A 381 -13.38 5.52 10.22
N SER A 382 -12.42 6.39 9.96
CA SER A 382 -12.71 7.84 9.91
C SER A 382 -13.27 8.19 8.55
N GLU A 383 -14.04 9.29 8.49
CA GLU A 383 -14.61 9.80 7.23
C GLU A 383 -13.56 10.07 6.15
N GLU A 384 -12.40 10.48 6.58
CA GLU A 384 -11.38 10.79 5.66
C GLU A 384 -10.83 9.48 5.04
N GLU A 385 -10.50 8.48 5.88
CA GLU A 385 -10.02 7.16 5.37
C GLU A 385 -11.05 6.54 4.42
N VAL A 386 -12.32 6.67 4.74
CA VAL A 386 -13.36 6.13 3.89
C VAL A 386 -13.35 6.85 2.55
N THR A 387 -13.30 8.20 2.57
CA THR A 387 -13.31 8.94 1.32
C THR A 387 -12.05 8.61 0.48
N THR A 388 -10.87 8.64 1.09
CA THR A 388 -9.68 8.32 0.36
C THR A 388 -9.75 6.90 -0.21
N GLY A 389 -10.23 5.95 0.58
CA GLY A 389 -10.14 4.58 0.18
C GLY A 389 -11.11 4.31 -0.92
N LEU A 390 -12.26 4.98 -0.86
CA LEU A 390 -13.25 4.85 -1.95
C LEU A 390 -12.84 5.62 -3.23
N ASP A 391 -11.91 6.57 -3.09
CA ASP A 391 -11.37 7.28 -4.22
C ASP A 391 -10.51 6.30 -4.92
N ARG A 392 -9.55 5.72 -4.19
CA ARG A 392 -8.74 4.62 -4.74
C ARG A 392 -9.57 3.44 -5.33
N PHE A 393 -10.65 3.03 -4.64
CA PHE A 393 -11.44 1.95 -5.16
C PHE A 393 -11.99 2.34 -6.53
N ALA A 394 -12.47 3.58 -6.64
CA ALA A 394 -12.97 4.13 -7.92
C ALA A 394 -11.88 4.20 -9.03
N ALA A 395 -10.71 4.71 -8.70
CA ALA A 395 -9.60 4.58 -9.63
C ALA A 395 -9.54 3.10 -10.10
N ALA A 396 -9.68 2.17 -9.15
CA ALA A 396 -9.44 0.76 -9.45
C ALA A 396 -10.47 0.27 -10.43
N CYS A 397 -11.72 0.65 -10.18
CA CYS A 397 -12.83 0.24 -11.03
C CYS A 397 -12.67 0.75 -12.44
N GLU A 398 -12.12 1.97 -12.54
CA GLU A 398 -11.78 2.55 -13.84
C GLU A 398 -10.73 1.67 -14.55
N HIS A 399 -9.51 1.51 -14.00
CA HIS A 399 -8.49 0.58 -14.55
C HIS A 399 -9.11 -0.74 -14.98
N PHE A 400 -9.90 -1.34 -14.11
CA PHE A 400 -10.50 -2.61 -14.40
C PHE A 400 -11.46 -2.58 -15.60
N VAL A 401 -12.37 -1.62 -15.67
CA VAL A 401 -13.33 -1.62 -16.80
C VAL A 401 -12.67 -1.46 -18.17
N SER A 402 -11.49 -0.84 -18.19
CA SER A 402 -10.40 -0.97 -19.24
C SER A 402 -10.17 0.32 -19.95
N ALA B 21 3.67 22.04 0.09
CA ALA B 21 4.49 22.43 1.27
C ALA B 21 3.90 23.66 1.96
N PRO B 22 4.27 23.90 3.25
CA PRO B 22 3.58 24.93 4.08
C PRO B 22 3.97 26.41 3.78
N PHE B 23 5.23 26.62 3.35
CA PHE B 23 5.80 27.95 3.19
C PHE B 23 5.94 28.45 1.74
N ILE B 24 5.99 29.75 1.58
CA ILE B 24 6.34 30.36 0.32
C ILE B 24 7.73 30.99 0.37
N PRO B 25 8.68 30.45 -0.42
CA PRO B 25 10.03 31.00 -0.49
C PRO B 25 9.99 32.40 -1.11
N VAL B 26 10.78 33.33 -0.56
CA VAL B 26 10.83 34.66 -1.16
C VAL B 26 12.17 35.07 -1.73
N ARG B 27 13.26 34.66 -1.09
CA ARG B 27 14.56 34.94 -1.64
C ARG B 27 15.54 33.97 -1.13
N GLY B 28 16.72 33.88 -1.73
CA GLY B 28 17.66 32.90 -1.25
C GLY B 28 19.03 33.34 -1.67
N GLU B 29 20.07 32.82 -1.04
CA GLU B 29 21.41 32.96 -1.61
C GLU B 29 22.19 31.79 -1.19
N GLY B 30 22.87 31.19 -2.18
CA GLY B 30 23.66 29.99 -1.95
C GLY B 30 22.73 28.82 -1.65
N SER B 31 23.00 28.15 -0.55
CA SER B 31 22.16 27.08 -0.11
C SER B 31 21.26 27.50 1.07
N ARG B 32 21.10 28.81 1.28
CA ARG B 32 20.18 29.36 2.27
C ARG B 32 18.97 29.88 1.48
N LEU B 33 17.76 29.65 2.03
CA LEU B 33 16.54 30.14 1.45
C LEU B 33 15.69 30.71 2.53
N TRP B 34 14.99 31.79 2.23
CA TRP B 34 14.17 32.41 3.23
C TRP B 34 12.79 32.43 2.76
N ASP B 35 11.86 32.22 3.71
CA ASP B 35 10.41 32.26 3.37
C ASP B 35 9.81 33.58 3.65
N GLN B 36 8.52 33.65 3.48
CA GLN B 36 7.71 34.85 3.57
C GLN B 36 7.66 35.43 4.97
N GLN B 37 7.96 34.65 6.00
CA GLN B 37 8.00 35.18 7.38
C GLN B 37 9.41 35.40 7.91
N GLY B 38 10.39 35.45 7.03
CA GLY B 38 11.80 35.56 7.45
C GLY B 38 12.51 34.32 7.96
N LYS B 39 11.82 33.15 7.95
CA LYS B 39 12.44 31.93 8.41
C LYS B 39 13.47 31.42 7.43
N GLU B 40 14.64 31.08 7.95
CA GLU B 40 15.77 30.70 7.13
C GLU B 40 15.91 29.19 7.00
N TYR B 41 16.09 28.67 5.79
CA TYR B 41 16.24 27.22 5.58
C TYR B 41 17.55 26.95 4.96
N ILE B 42 18.13 25.79 5.25
CA ILE B 42 19.21 25.24 4.43
C ILE B 42 18.62 24.32 3.31
N ASP B 43 18.87 24.67 2.05
CA ASP B 43 18.24 24.02 0.92
C ASP B 43 19.07 22.84 0.44
N PHE B 44 18.65 21.63 0.85
CA PHE B 44 19.25 20.39 0.35
C PHE B 44 18.32 19.77 -0.69
N ALA B 45 17.27 20.50 -1.04
CA ALA B 45 16.36 20.03 -2.07
C ALA B 45 16.83 20.44 -3.47
N GLY B 46 17.45 21.61 -3.54
CA GLY B 46 18.04 22.16 -4.77
C GLY B 46 17.08 22.40 -5.90
N GLY B 47 15.81 22.55 -5.59
CA GLY B 47 14.84 22.67 -6.68
C GLY B 47 14.55 21.34 -7.35
N ILE B 48 15.03 20.26 -6.70
CA ILE B 48 15.06 18.91 -7.28
C ILE B 48 16.22 18.90 -8.28
N ALA B 49 17.43 18.96 -7.75
CA ALA B 49 18.62 19.02 -8.57
C ALA B 49 18.61 20.10 -9.72
N VAL B 50 17.85 21.19 -9.58
CA VAL B 50 17.93 22.29 -10.50
C VAL B 50 18.96 23.38 -10.12
N ASN B 51 18.87 23.92 -8.90
CA ASN B 51 19.80 24.94 -8.43
C ASN B 51 21.21 24.41 -8.15
N ALA B 52 21.93 24.08 -9.22
CA ALA B 52 23.22 23.43 -9.17
C ALA B 52 24.28 24.30 -8.55
N LEU B 53 24.07 25.60 -8.70
CA LEU B 53 24.98 26.61 -8.17
C LEU B 53 24.34 27.42 -7.04
N GLY B 54 23.20 26.96 -6.51
CA GLY B 54 22.62 27.67 -5.37
C GLY B 54 21.63 28.72 -5.80
N HIS B 55 21.06 29.45 -4.86
CA HIS B 55 20.10 30.49 -5.23
C HIS B 55 20.74 31.76 -5.65
N ALA B 56 20.16 32.35 -6.67
CA ALA B 56 20.51 33.68 -7.09
C ALA B 56 22.03 33.84 -7.23
N HIS B 57 22.65 32.97 -7.99
CA HIS B 57 24.10 33.01 -8.14
C HIS B 57 24.56 34.28 -8.80
N PRO B 58 25.49 35.01 -8.15
CA PRO B 58 26.00 36.36 -8.65
C PRO B 58 26.44 36.32 -10.14
N GLU B 59 27.09 35.25 -10.55
CA GLU B 59 27.56 35.12 -11.91
C GLU B 59 26.50 34.76 -12.94
N LEU B 60 25.49 33.99 -12.52
CA LEU B 60 24.39 33.68 -13.43
C LEU B 60 23.51 34.89 -13.56
N ARG B 61 23.36 35.64 -12.47
CA ARG B 61 22.69 36.95 -12.56
C ARG B 61 23.36 37.88 -13.54
N GLU B 62 24.69 37.97 -13.48
CA GLU B 62 25.43 38.78 -14.46
C GLU B 62 25.27 38.22 -15.88
N ALA B 63 25.33 36.89 -16.06
CA ALA B 63 25.06 36.35 -17.42
C ALA B 63 23.64 36.71 -17.90
N LEU B 64 22.66 36.61 -17.04
CA LEU B 64 21.32 36.85 -17.45
C LEU B 64 21.04 38.33 -17.79
N ASN B 65 21.57 39.23 -16.96
N ASN B 65 21.57 39.23 -16.94
CA ASN B 65 21.34 40.65 -17.17
CA ASN B 65 21.46 40.69 -17.09
C ASN B 65 22.08 41.18 -18.40
C ASN B 65 22.08 41.15 -18.41
N GLU B 66 23.30 40.65 -18.63
CA GLU B 66 24.04 40.98 -19.83
C GLU B 66 23.20 40.65 -21.10
N GLN B 67 22.73 39.39 -21.22
CA GLN B 67 21.92 39.00 -22.36
C GLN B 67 20.60 39.75 -22.42
N ALA B 68 19.96 39.91 -21.29
CA ALA B 68 18.64 40.52 -21.22
C ALA B 68 18.78 41.97 -21.67
N SER B 69 20.00 42.47 -21.65
CA SER B 69 20.17 43.87 -22.09
C SER B 69 20.48 43.97 -23.57
N LYS B 70 20.61 42.82 -24.26
CA LYS B 70 20.82 42.78 -25.73
C LYS B 70 19.55 42.40 -26.44
N PHE B 71 19.17 41.12 -26.43
CA PHE B 71 17.77 40.77 -26.82
C PHE B 71 17.33 39.46 -26.21
N TRP B 72 16.02 39.26 -26.14
CA TRP B 72 15.39 38.13 -25.39
C TRP B 72 15.01 36.92 -26.24
N HIS B 73 14.68 37.16 -27.50
CA HIS B 73 14.00 36.20 -28.25
C HIS B 73 13.84 36.68 -29.67
N THR B 74 14.26 35.83 -30.62
CA THR B 74 13.83 36.01 -32.03
C THR B 74 12.97 34.87 -32.51
N GLY B 75 13.22 33.68 -31.95
CA GLY B 75 12.47 32.49 -32.34
C GLY B 75 12.80 31.94 -33.73
N ASN B 76 12.00 30.96 -34.16
CA ASN B 76 12.35 30.16 -35.34
C ASN B 76 12.71 30.98 -36.59
N GLY B 77 13.74 30.52 -37.26
CA GLY B 77 14.22 31.20 -38.44
C GLY B 77 15.57 31.82 -38.18
N TYR B 78 15.88 32.12 -36.91
CA TYR B 78 17.13 32.78 -36.57
C TYR B 78 17.83 32.03 -35.44
N THR B 79 19.14 31.92 -35.53
CA THR B 79 19.94 31.45 -34.42
C THR B 79 20.59 32.69 -33.71
N ASN B 80 21.43 32.45 -32.71
CA ASN B 80 21.95 33.52 -31.94
C ASN B 80 23.29 33.19 -31.33
N GLU B 81 24.08 34.21 -30.98
CA GLU B 81 25.41 33.91 -30.50
C GLU B 81 25.37 32.98 -29.27
N PRO B 82 24.52 33.30 -28.25
CA PRO B 82 24.57 32.52 -27.01
C PRO B 82 24.29 31.05 -27.24
N VAL B 83 23.28 30.78 -28.09
CA VAL B 83 22.91 29.40 -28.34
C VAL B 83 23.99 28.60 -29.12
N LEU B 84 24.72 29.30 -30.01
CA LEU B 84 25.80 28.70 -30.73
C LEU B 84 26.92 28.41 -29.80
N ARG B 85 27.29 29.35 -28.92
CA ARG B 85 28.36 29.10 -27.94
C ARG B 85 27.99 27.92 -27.06
N LEU B 86 26.70 27.76 -26.77
CA LEU B 86 26.30 26.71 -25.88
C LEU B 86 26.43 25.35 -26.57
N ALA B 87 26.01 25.27 -27.83
CA ALA B 87 26.20 24.02 -28.59
C ALA B 87 27.70 23.61 -28.63
N LYS B 88 28.53 24.53 -29.12
CA LYS B 88 29.96 24.38 -29.06
C LYS B 88 30.35 23.83 -27.68
N LYS B 89 29.97 24.49 -26.59
CA LYS B 89 30.37 24.00 -25.28
C LYS B 89 30.02 22.49 -25.03
N LEU B 90 28.79 22.11 -25.35
CA LEU B 90 28.28 20.80 -25.05
C LEU B 90 28.88 19.71 -25.93
N ILE B 91 28.93 20.01 -27.26
CA ILE B 91 29.67 19.20 -28.24
C ILE B 91 31.15 18.92 -27.81
N ASP B 92 31.87 19.94 -27.40
CA ASP B 92 33.28 19.78 -27.12
C ASP B 92 33.51 18.99 -25.88
N ALA B 93 32.50 18.93 -25.00
CA ALA B 93 32.71 18.33 -23.67
C ALA B 93 32.13 16.94 -23.59
N THR B 94 31.37 16.54 -24.61
CA THR B 94 30.65 15.29 -24.57
C THR B 94 30.73 14.52 -25.90
N PHE B 95 30.46 13.23 -25.80
CA PHE B 95 30.31 12.35 -26.92
C PHE B 95 29.54 12.96 -28.08
N ALA B 96 28.70 13.98 -27.87
CA ALA B 96 27.78 14.43 -28.94
C ALA B 96 28.47 15.20 -30.06
N ASP B 97 27.75 15.32 -31.19
CA ASP B 97 28.24 16.02 -32.39
C ASP B 97 27.24 17.07 -32.82
N ARG B 98 25.96 16.83 -32.57
CA ARG B 98 24.94 17.91 -32.63
C ARG B 98 24.08 18.09 -31.33
N VAL B 99 23.30 19.20 -31.27
CA VAL B 99 22.46 19.55 -30.12
C VAL B 99 21.19 20.25 -30.54
N PHE B 100 20.03 19.69 -30.14
N PHE B 100 20.04 19.72 -30.12
CA PHE B 100 18.69 20.33 -30.27
CA PHE B 100 18.78 20.41 -30.33
C PHE B 100 18.44 21.04 -28.94
C PHE B 100 18.25 20.94 -28.99
N PHE B 101 17.75 22.18 -28.99
CA PHE B 101 17.33 22.86 -27.75
C PHE B 101 15.83 23.02 -27.60
N CYS B 102 15.34 22.81 -26.38
CA CYS B 102 13.91 23.02 -26.08
C CYS B 102 13.78 23.76 -24.74
N ASN B 103 12.57 23.71 -24.17
CA ASN B 103 12.22 24.43 -22.96
C ASN B 103 12.27 23.62 -21.68
N SER B 104 12.24 22.28 -21.79
CA SER B 104 12.28 21.42 -20.61
C SER B 104 12.83 20.01 -20.89
N GLY B 105 13.07 19.26 -19.83
CA GLY B 105 13.50 17.88 -19.91
C GLY B 105 12.41 16.99 -20.46
N ALA B 106 11.18 17.34 -20.19
CA ALA B 106 10.08 16.62 -20.76
C ALA B 106 10.21 16.75 -22.28
N GLU B 107 10.20 17.99 -22.80
CA GLU B 107 10.28 18.23 -24.24
C GLU B 107 11.45 17.42 -24.82
N ALA B 108 12.60 17.51 -24.18
CA ALA B 108 13.77 16.76 -24.61
C ALA B 108 13.60 15.24 -24.66
N ASN B 109 12.78 14.70 -23.76
CA ASN B 109 12.61 13.26 -23.73
C ASN B 109 11.68 12.80 -24.84
N GLU B 110 10.60 13.53 -25.11
CA GLU B 110 9.88 13.32 -26.36
C GLU B 110 10.89 13.36 -27.51
N ALA B 111 11.25 14.56 -27.97
CA ALA B 111 12.32 14.74 -28.97
C ALA B 111 13.13 13.47 -29.19
N ALA B 112 13.80 12.98 -28.13
CA ALA B 112 14.67 11.82 -28.17
C ALA B 112 13.98 10.70 -28.88
N LEU B 113 12.84 10.29 -28.30
CA LEU B 113 11.95 9.24 -28.82
C LEU B 113 11.46 9.47 -30.25
N LYS B 114 10.64 10.50 -30.47
CA LYS B 114 10.29 10.93 -31.84
C LYS B 114 11.46 10.96 -32.84
N LEU B 115 12.66 11.34 -32.43
CA LEU B 115 13.80 11.22 -33.33
C LEU B 115 14.38 9.80 -33.52
N ALA B 116 14.33 8.94 -32.49
CA ALA B 116 14.76 7.55 -32.69
C ALA B 116 13.66 6.74 -33.42
N ARG B 117 12.40 7.17 -33.31
CA ARG B 117 11.31 6.71 -34.17
C ARG B 117 11.74 6.91 -35.64
N LYS B 118 11.90 8.19 -36.04
CA LYS B 118 12.19 8.57 -37.42
C LYS B 118 13.50 8.00 -37.93
N PHE B 119 14.57 7.98 -37.13
CA PHE B 119 15.87 7.41 -37.58
C PHE B 119 15.71 5.99 -37.96
N ALA B 120 14.90 5.26 -37.19
CA ALA B 120 14.61 3.86 -37.51
C ALA B 120 13.63 3.73 -38.73
N HIS B 121 12.43 4.28 -38.59
CA HIS B 121 11.37 4.17 -39.62
C HIS B 121 11.86 4.57 -41.01
N ASP B 122 13.02 5.18 -41.08
CA ASP B 122 13.57 5.64 -42.35
C ASP B 122 15.02 5.14 -42.43
N ARG B 123 15.16 3.82 -42.39
CA ARG B 123 16.44 3.12 -42.51
C ARG B 123 16.19 1.67 -42.16
N TYR B 124 14.97 1.36 -41.68
CA TYR B 124 14.51 -0.03 -41.39
C TYR B 124 12.99 -0.20 -41.51
N GLY B 125 12.26 0.85 -41.91
CA GLY B 125 10.82 0.71 -42.23
C GLY B 125 9.81 0.96 -41.12
N SER B 126 8.51 1.00 -41.46
CA SER B 126 7.46 1.29 -40.47
C SER B 126 7.23 0.13 -39.46
N HIS B 127 8.04 -0.93 -39.57
CA HIS B 127 7.92 -2.08 -38.66
C HIS B 127 8.56 -1.87 -37.30
N LYS B 128 9.72 -1.18 -37.28
CA LYS B 128 10.52 -0.85 -36.06
C LYS B 128 9.99 0.35 -35.27
N SER B 129 9.00 0.11 -34.39
CA SER B 129 8.30 1.13 -33.62
C SER B 129 8.39 0.90 -32.10
N GLY B 130 9.23 -0.06 -31.69
CA GLY B 130 9.40 -0.40 -30.28
C GLY B 130 10.23 0.58 -29.45
N ILE B 131 9.72 0.90 -28.24
CA ILE B 131 10.44 1.59 -27.13
C ILE B 131 10.47 0.78 -25.81
N VAL B 132 11.64 0.37 -25.39
CA VAL B 132 11.84 -0.26 -24.08
C VAL B 132 12.27 0.83 -23.09
N ALA B 133 11.41 1.11 -22.12
CA ALA B 133 11.70 1.94 -20.96
C ALA B 133 11.91 1.03 -19.71
N PHE B 134 11.96 1.65 -18.52
CA PHE B 134 11.96 0.88 -17.30
C PHE B 134 10.87 1.26 -16.29
N LYS B 135 10.81 0.48 -15.20
CA LYS B 135 9.74 0.56 -14.19
C LYS B 135 10.26 1.45 -13.09
N ASN B 136 9.40 2.36 -12.61
CA ASN B 136 9.75 3.45 -11.64
C ASN B 136 10.36 4.67 -12.32
N ALA B 137 10.57 4.58 -13.62
CA ALA B 137 11.22 5.61 -14.38
C ALA B 137 10.37 6.86 -14.38
N PHE B 138 11.06 8.02 -14.26
CA PHE B 138 10.43 9.30 -14.49
C PHE B 138 11.04 10.08 -15.67
N HIS B 139 10.21 10.52 -16.61
CA HIS B 139 10.69 11.14 -17.86
C HIS B 139 9.99 12.45 -18.17
N GLY B 140 9.14 12.91 -17.24
CA GLY B 140 8.66 14.30 -17.27
C GLY B 140 7.17 14.43 -17.03
N ARG B 141 6.78 15.42 -16.21
CA ARG B 141 5.37 15.59 -15.78
C ARG B 141 4.53 16.28 -16.85
N ASP B 164 3.36 2.03 -28.33
CA ASP B 164 4.13 0.79 -28.44
C ASP B 164 5.35 0.85 -27.51
N ILE B 165 5.08 0.67 -26.21
CA ILE B 165 6.00 0.97 -25.11
C ILE B 165 6.03 -0.18 -24.12
N ARG B 166 7.12 -0.93 -24.05
CA ARG B 166 7.23 -2.04 -23.11
C ARG B 166 8.04 -1.59 -21.89
N HIS B 167 7.68 -2.04 -20.69
CA HIS B 167 8.40 -1.70 -19.46
C HIS B 167 9.21 -2.80 -18.84
N ALA B 168 10.51 -2.73 -18.90
CA ALA B 168 11.34 -3.74 -18.22
C ALA B 168 11.76 -3.34 -16.82
N ALA B 169 12.29 -4.28 -16.06
CA ALA B 169 12.68 -3.99 -14.71
C ALA B 169 14.08 -3.38 -14.65
N TYR B 170 14.17 -2.22 -13.99
CA TYR B 170 15.48 -1.58 -13.78
C TYR B 170 16.50 -2.57 -13.27
N ASN B 171 17.73 -2.41 -13.71
CA ASN B 171 18.83 -3.24 -13.23
C ASN B 171 18.73 -4.77 -13.56
N ASP B 172 17.66 -5.15 -14.26
CA ASP B 172 17.49 -6.53 -14.75
C ASP B 172 17.88 -6.69 -16.21
N ILE B 173 19.12 -7.09 -16.37
CA ILE B 173 19.68 -7.18 -17.70
C ILE B 173 18.95 -8.28 -18.53
N ASN B 174 18.64 -9.41 -17.87
CA ASN B 174 17.82 -10.54 -18.44
C ASN B 174 16.38 -10.18 -18.87
N SER B 175 15.79 -9.19 -18.19
CA SER B 175 14.47 -8.69 -18.52
C SER B 175 14.52 -7.79 -19.74
N ALA B 176 15.66 -7.11 -19.87
CA ALA B 176 15.87 -6.16 -20.95
C ALA B 176 16.06 -6.95 -22.22
N SER B 177 17.00 -7.90 -22.11
CA SER B 177 17.30 -8.90 -23.15
C SER B 177 16.03 -9.39 -23.89
N ALA B 178 15.06 -9.77 -23.08
CA ALA B 178 13.76 -10.27 -23.50
C ALA B 178 12.77 -9.20 -24.04
N LEU B 179 13.11 -7.91 -23.89
CA LEU B 179 12.19 -6.88 -24.42
C LEU B 179 12.67 -6.03 -25.61
N ILE B 180 14.00 -5.94 -25.74
CA ILE B 180 14.69 -5.43 -26.93
C ILE B 180 14.82 -6.58 -27.98
N ASP B 181 14.19 -6.35 -29.12
CA ASP B 181 14.33 -7.22 -30.27
C ASP B 181 14.80 -6.43 -31.51
N ASP B 182 14.61 -7.00 -32.69
CA ASP B 182 14.91 -6.24 -33.88
C ASP B 182 13.87 -5.14 -34.16
N SER B 183 12.72 -5.19 -33.49
CA SER B 183 11.65 -4.19 -33.71
C SER B 183 11.64 -3.02 -32.69
N THR B 184 12.73 -2.92 -31.90
CA THR B 184 12.96 -1.84 -30.94
C THR B 184 13.80 -0.68 -31.52
N CYS B 185 13.21 0.52 -31.61
CA CYS B 185 13.94 1.74 -32.07
C CYS B 185 14.76 2.43 -31.00
N ALA B 186 14.27 2.34 -29.76
CA ALA B 186 14.88 3.02 -28.61
C ALA B 186 14.76 2.34 -27.24
N VAL B 187 15.84 2.46 -26.47
CA VAL B 187 15.91 2.09 -25.07
C VAL B 187 16.31 3.37 -24.28
N ILE B 188 15.36 3.84 -23.46
CA ILE B 188 15.49 5.01 -22.57
C ILE B 188 15.70 4.69 -21.05
N VAL B 189 16.77 5.21 -20.49
CA VAL B 189 17.13 4.82 -19.16
C VAL B 189 17.79 5.99 -18.40
N GLU B 190 17.50 6.11 -17.10
CA GLU B 190 18.21 7.06 -16.32
C GLU B 190 19.39 6.33 -15.71
N PRO B 191 20.55 6.95 -15.66
CA PRO B 191 21.64 6.24 -15.01
C PRO B 191 21.49 6.11 -13.49
N ILE B 192 20.51 6.82 -12.96
CA ILE B 192 20.09 6.66 -11.59
C ILE B 192 18.65 6.97 -11.67
N GLN B 193 17.77 6.11 -11.14
CA GLN B 193 16.37 6.50 -11.11
C GLN B 193 16.11 7.43 -9.95
N GLY B 194 15.87 8.68 -10.27
CA GLY B 194 15.76 9.72 -9.25
C GLY B 194 14.42 9.65 -8.54
N GLU B 195 13.33 9.96 -9.25
CA GLU B 195 12.00 10.07 -8.66
C GLU B 195 11.51 8.77 -8.02
N GLY B 196 11.97 7.62 -8.52
CA GLY B 196 11.60 6.30 -7.96
C GLY B 196 12.66 5.70 -7.06
N GLY B 197 13.15 6.46 -6.08
CA GLY B 197 13.91 5.87 -4.96
C GLY B 197 15.40 6.11 -4.90
N VAL B 198 15.92 6.83 -5.89
CA VAL B 198 17.38 7.10 -5.98
C VAL B 198 18.15 5.79 -6.04
N VAL B 199 17.85 5.02 -7.09
CA VAL B 199 18.62 3.79 -7.40
C VAL B 199 19.61 4.00 -8.55
N PRO B 200 20.92 3.90 -8.24
CA PRO B 200 21.96 3.88 -9.29
C PRO B 200 21.91 2.59 -10.08
N ALA B 201 21.98 2.68 -11.43
CA ALA B 201 22.21 1.49 -12.27
C ALA B 201 23.56 0.85 -11.96
N SER B 202 23.74 -0.42 -12.31
CA SER B 202 25.07 -1.10 -12.17
C SER B 202 25.88 -1.01 -13.48
N ASN B 203 27.22 -1.00 -13.36
CA ASN B 203 28.12 -0.93 -14.53
C ASN B 203 27.77 -2.02 -15.56
N ALA B 204 27.43 -3.21 -15.04
CA ALA B 204 27.02 -4.34 -15.87
C ALA B 204 25.69 -4.13 -16.61
N PHE B 205 24.69 -3.63 -15.92
CA PHE B 205 23.39 -3.44 -16.53
C PHE B 205 23.43 -2.43 -17.66
N LEU B 206 24.26 -1.40 -17.51
CA LEU B 206 24.37 -0.36 -18.54
C LEU B 206 25.21 -0.84 -19.75
N GLN B 207 26.40 -1.38 -19.44
CA GLN B 207 27.25 -2.06 -20.44
C GLN B 207 26.42 -3.08 -21.28
N GLY B 208 25.53 -3.81 -20.60
CA GLY B 208 24.59 -4.76 -21.22
C GLY B 208 23.61 -4.10 -22.18
N LEU B 209 23.08 -2.94 -21.80
CA LEU B 209 22.10 -2.24 -22.64
C LEU B 209 22.77 -1.73 -23.94
N ARG B 210 24.07 -1.46 -23.82
CA ARG B 210 24.85 -0.93 -24.94
C ARG B 210 25.04 -2.08 -25.91
N GLU B 211 25.60 -3.20 -25.41
CA GLU B 211 25.63 -4.51 -26.14
C GLU B 211 24.30 -4.90 -26.81
N LEU B 212 23.20 -4.83 -26.07
CA LEU B 212 21.89 -5.11 -26.66
C LEU B 212 21.43 -4.10 -27.69
N CYS B 213 21.99 -2.91 -27.70
CA CYS B 213 21.42 -1.90 -28.58
C CYS B 213 22.17 -1.96 -29.88
N ASN B 214 23.48 -2.16 -29.70
CA ASN B 214 24.39 -2.51 -30.77
C ASN B 214 23.89 -3.70 -31.56
N ARG B 215 23.84 -4.88 -30.89
CA ARG B 215 23.32 -6.17 -31.43
C ARG B 215 21.97 -6.06 -32.16
N HIS B 216 21.03 -5.25 -31.66
CA HIS B 216 19.68 -5.21 -32.19
C HIS B 216 19.33 -3.99 -32.98
N ASN B 217 20.36 -3.15 -33.16
CA ASN B 217 20.24 -1.85 -33.85
C ASN B 217 19.19 -0.88 -33.26
N ALA B 218 19.32 -0.63 -31.95
CA ALA B 218 18.49 0.34 -31.22
C ALA B 218 19.33 1.55 -30.76
N LEU B 219 18.72 2.73 -30.77
CA LEU B 219 19.32 3.88 -30.08
C LEU B 219 19.08 3.82 -28.56
N LEU B 220 20.18 3.64 -27.83
CA LEU B 220 20.22 3.81 -26.40
C LEU B 220 20.19 5.33 -26.03
N ILE B 221 19.08 5.75 -25.42
CA ILE B 221 18.91 7.11 -24.93
C ILE B 221 19.05 7.18 -23.40
N PHE B 222 20.14 7.79 -22.91
CA PHE B 222 20.31 8.22 -21.49
C PHE B 222 19.58 9.55 -21.13
N ASP B 223 18.55 9.42 -20.31
CA ASP B 223 17.86 10.58 -19.77
C ASP B 223 18.68 10.99 -18.56
N GLU B 224 19.44 12.07 -18.77
CA GLU B 224 20.31 12.56 -17.74
C GLU B 224 19.79 13.92 -17.29
N VAL B 225 18.47 14.15 -17.41
CA VAL B 225 17.91 15.38 -16.89
C VAL B 225 18.12 15.59 -15.35
N GLN B 226 18.22 14.53 -14.60
CA GLN B 226 18.38 14.63 -13.18
C GLN B 226 19.81 14.31 -12.80
N THR B 227 20.51 13.53 -13.61
CA THR B 227 21.85 13.11 -13.25
C THR B 227 22.96 13.97 -13.89
N GLY B 228 22.58 14.95 -14.68
CA GLY B 228 23.55 15.67 -15.49
C GLY B 228 24.17 16.91 -14.86
N VAL B 229 25.13 17.50 -15.58
CA VAL B 229 25.68 18.77 -15.21
C VAL B 229 26.29 18.65 -13.83
N GLY B 230 27.21 17.70 -13.65
CA GLY B 230 28.02 17.59 -12.44
C GLY B 230 27.45 16.76 -11.31
N ARG B 231 26.18 16.35 -11.41
CA ARG B 231 25.51 15.72 -10.27
C ARG B 231 26.32 14.56 -9.59
N THR B 232 26.89 13.65 -10.37
CA THR B 232 27.58 12.45 -9.88
C THR B 232 29.08 12.64 -9.66
N GLY B 233 29.60 13.80 -10.06
CA GLY B 233 31.03 14.08 -9.86
C GLY B 233 31.79 14.04 -11.18
N GLU B 234 31.03 13.90 -12.27
CA GLU B 234 31.49 13.90 -13.64
C GLU B 234 30.53 14.78 -14.39
N LEU B 235 30.95 15.41 -15.49
CA LEU B 235 29.98 16.27 -16.16
C LEU B 235 28.62 15.54 -16.38
N TYR B 236 28.67 14.30 -16.88
CA TYR B 236 27.46 13.51 -17.12
C TYR B 236 27.66 12.12 -16.63
N ALA B 237 26.57 11.47 -16.26
CA ALA B 237 26.68 10.19 -15.56
C ALA B 237 27.38 9.11 -16.46
N TYR B 238 27.06 9.15 -17.75
CA TYR B 238 27.71 8.26 -18.72
C TYR B 238 29.25 8.25 -18.61
N MET B 239 29.87 9.37 -18.27
CA MET B 239 31.32 9.40 -18.05
C MET B 239 31.72 8.58 -16.84
N HIS B 240 30.98 8.72 -15.75
CA HIS B 240 31.26 7.98 -14.54
C HIS B 240 31.20 6.50 -14.78
N TYR B 241 30.23 6.09 -15.60
CA TYR B 241 29.95 4.67 -15.82
C TYR B 241 30.74 4.09 -16.99
N GLY B 242 31.47 4.95 -17.71
CA GLY B 242 32.16 4.60 -18.96
C GLY B 242 31.34 3.99 -20.11
N VAL B 243 30.05 4.27 -20.24
CA VAL B 243 29.28 3.67 -21.31
C VAL B 243 28.61 4.77 -22.10
N THR B 244 28.82 4.77 -23.41
CA THR B 244 28.37 5.89 -24.24
C THR B 244 27.05 5.65 -24.98
N PRO B 245 26.04 6.52 -24.74
CA PRO B 245 24.79 6.34 -25.50
C PRO B 245 24.84 6.96 -26.87
N ASP B 246 23.70 6.94 -27.53
CA ASP B 246 23.54 7.48 -28.84
C ASP B 246 22.77 8.77 -28.70
N LEU B 247 21.98 8.88 -27.64
CA LEU B 247 21.25 10.10 -27.32
C LEU B 247 21.35 10.33 -25.81
N LEU B 248 21.34 11.61 -25.44
CA LEU B 248 21.43 12.02 -24.07
C LEU B 248 20.63 13.27 -23.94
N THR B 249 19.75 13.28 -22.94
CA THR B 249 18.88 14.42 -22.69
C THR B 249 19.30 15.03 -21.38
N THR B 250 19.11 16.35 -21.29
CA THR B 250 19.72 17.17 -20.27
C THR B 250 18.78 18.33 -20.14
N ALA B 251 18.60 18.77 -18.93
CA ALA B 251 17.75 19.92 -18.62
C ALA B 251 18.01 20.26 -17.14
N LYS B 252 17.14 21.07 -16.51
CA LYS B 252 17.18 21.14 -15.06
C LYS B 252 18.39 21.95 -14.62
N ALA B 253 19.38 21.31 -14.01
CA ALA B 253 20.62 22.03 -13.67
C ALA B 253 21.31 22.72 -14.89
N LEU B 254 21.23 22.16 -16.08
CA LEU B 254 21.66 22.90 -17.22
C LEU B 254 21.36 24.41 -17.13
N GLY B 255 20.16 24.75 -16.67
CA GLY B 255 19.67 26.13 -16.67
C GLY B 255 19.95 26.84 -15.38
N GLY B 256 20.50 26.13 -14.39
CA GLY B 256 20.65 26.66 -12.99
C GLY B 256 19.40 27.35 -12.35
N GLY B 257 18.25 27.20 -13.00
CA GLY B 257 17.00 27.68 -12.51
C GLY B 257 16.20 28.20 -13.66
N PHE B 258 16.89 28.59 -14.71
CA PHE B 258 16.21 29.10 -15.89
C PHE B 258 15.68 27.89 -16.65
N PRO B 259 14.48 27.96 -17.19
CA PRO B 259 13.99 26.77 -17.93
C PRO B 259 14.67 26.54 -19.30
N VAL B 260 15.22 25.34 -19.49
CA VAL B 260 15.94 25.00 -20.71
C VAL B 260 16.06 23.45 -20.86
N GLY B 261 16.04 22.95 -22.06
CA GLY B 261 16.29 21.53 -22.22
C GLY B 261 17.17 21.27 -23.40
N ALA B 262 17.82 20.13 -23.41
CA ALA B 262 18.70 19.86 -24.51
C ALA B 262 18.76 18.36 -24.84
N LEU B 263 18.75 18.07 -26.14
CA LEU B 263 18.94 16.72 -26.66
C LEU B 263 20.29 16.62 -27.33
N LEU B 264 21.12 15.70 -26.85
CA LEU B 264 22.47 15.54 -27.41
C LEU B 264 22.58 14.30 -28.34
N ALA B 265 22.90 14.55 -29.62
CA ALA B 265 22.94 13.50 -30.64
C ALA B 265 24.35 13.30 -31.21
N THR B 266 24.61 12.10 -31.78
CA THR B 266 25.82 11.85 -32.63
C THR B 266 25.54 12.33 -34.06
N GLU B 267 26.61 12.48 -34.85
CA GLU B 267 26.46 12.84 -36.29
C GLU B 267 25.45 11.95 -37.06
N GLU B 268 25.63 10.61 -36.97
CA GLU B 268 24.66 9.60 -37.43
C GLU B 268 23.17 10.05 -37.20
N CYS B 269 22.74 10.11 -35.93
CA CYS B 269 21.31 10.29 -35.57
C CYS B 269 20.79 11.67 -35.86
N ALA B 270 21.62 12.70 -35.62
CA ALA B 270 21.24 14.06 -36.00
C ALA B 270 21.07 14.25 -37.51
N ARG B 271 21.85 13.50 -38.32
CA ARG B 271 21.82 13.62 -39.80
C ARG B 271 20.44 13.31 -40.39
N VAL B 272 19.43 13.00 -39.55
CA VAL B 272 18.03 12.92 -40.01
C VAL B 272 17.19 14.16 -39.65
N MET B 273 17.71 15.34 -40.04
CA MET B 273 17.18 16.71 -39.76
C MET B 273 16.66 16.98 -38.31
N GLY B 284 16.26 27.57 -29.87
CA GLY B 284 16.51 27.80 -28.45
C GLY B 284 16.62 29.28 -28.01
N ASN B 285 16.49 29.52 -26.70
CA ASN B 285 16.31 30.87 -26.19
C ASN B 285 17.69 31.48 -25.84
N PRO B 286 17.87 32.77 -26.22
CA PRO B 286 19.15 33.50 -25.95
C PRO B 286 19.38 33.70 -24.46
N LEU B 287 18.34 34.05 -23.71
CA LEU B 287 18.50 34.11 -22.26
C LEU B 287 18.90 32.74 -21.66
N ALA B 288 18.12 31.70 -21.97
CA ALA B 288 18.41 30.35 -21.43
C ALA B 288 19.82 29.90 -21.80
N SER B 289 20.19 30.20 -23.04
CA SER B 289 21.48 29.82 -23.53
C SER B 289 22.61 30.56 -22.90
N ALA B 290 22.42 31.88 -22.72
CA ALA B 290 23.47 32.70 -22.09
C ALA B 290 23.65 32.23 -20.68
N VAL B 291 22.54 31.92 -19.99
CA VAL B 291 22.63 31.36 -18.62
C VAL B 291 23.31 29.99 -18.54
N ALA B 292 22.80 29.04 -19.34
CA ALA B 292 23.38 27.67 -19.39
C ALA B 292 24.85 27.68 -19.77
N GLY B 293 25.27 28.60 -20.67
CA GLY B 293 26.66 28.71 -21.00
C GLY B 293 27.51 29.00 -19.77
N LYS B 294 27.05 29.93 -18.97
CA LYS B 294 27.77 30.25 -17.76
C LYS B 294 27.68 29.08 -16.80
N VAL B 295 26.53 28.43 -16.69
CA VAL B 295 26.41 27.27 -15.81
C VAL B 295 27.50 26.26 -16.17
N LEU B 296 27.58 25.91 -17.46
CA LEU B 296 28.62 24.98 -17.92
C LEU B 296 30.02 25.46 -17.62
N GLU B 297 30.30 26.70 -17.99
CA GLU B 297 31.60 27.25 -17.65
C GLU B 297 31.94 27.05 -16.15
N LEU B 298 30.97 27.22 -15.27
CA LEU B 298 31.27 27.17 -13.83
C LEU B 298 31.36 25.81 -13.23
N ILE B 299 30.52 24.89 -13.74
CA ILE B 299 30.43 23.51 -13.24
C ILE B 299 31.49 22.60 -13.84
N ASN B 300 31.81 22.79 -15.13
CA ASN B 300 32.73 21.89 -15.84
C ASN B 300 34.20 22.24 -15.62
N THR B 301 34.64 22.09 -14.38
CA THR B 301 35.98 22.39 -13.97
C THR B 301 36.37 21.30 -12.98
N PRO B 302 37.65 20.87 -12.99
CA PRO B 302 38.15 19.86 -12.02
C PRO B 302 37.86 20.21 -10.56
N GLU B 303 37.95 21.48 -10.20
CA GLU B 303 37.78 21.85 -8.80
C GLU B 303 36.32 21.58 -8.41
N MET B 304 35.39 22.01 -9.26
CA MET B 304 33.98 21.88 -8.99
C MET B 304 33.52 20.42 -8.88
N LEU B 305 33.88 19.66 -9.91
CA LEU B 305 33.61 18.23 -10.00
C LEU B 305 34.33 17.37 -8.98
N ASN B 306 35.54 17.76 -8.56
CA ASN B 306 36.18 16.98 -7.49
C ASN B 306 35.53 17.24 -6.18
N GLY B 307 35.00 18.45 -6.03
CA GLY B 307 34.40 18.86 -4.81
C GLY B 307 33.00 18.29 -4.68
N VAL B 308 32.39 17.82 -5.78
CA VAL B 308 31.09 17.18 -5.68
C VAL B 308 31.33 15.85 -4.99
N LYS B 309 32.45 15.22 -5.34
CA LYS B 309 32.95 14.02 -4.68
C LYS B 309 33.23 14.23 -3.19
N GLN B 310 33.94 15.31 -2.90
CA GLN B 310 34.31 15.61 -1.52
C GLN B 310 33.04 15.73 -0.75
N ARG B 311 32.07 16.39 -1.38
CA ARG B 311 30.79 16.72 -0.77
C ARG B 311 29.97 15.47 -0.48
N HIS B 312 29.92 14.57 -1.46
CA HIS B 312 29.30 13.25 -1.29
C HIS B 312 29.83 12.56 -0.03
N ASP B 313 31.11 12.69 0.22
CA ASP B 313 31.66 12.05 1.38
C ASP B 313 31.07 12.68 2.63
N TRP B 314 31.08 14.02 2.70
CA TRP B 314 30.53 14.75 3.84
C TRP B 314 29.11 14.34 4.13
N PHE B 315 28.28 14.25 3.11
CA PHE B 315 26.93 13.85 3.37
C PHE B 315 26.86 12.43 3.92
N VAL B 316 27.31 11.45 3.12
CA VAL B 316 27.29 10.03 3.50
C VAL B 316 27.91 9.79 4.90
N GLU B 317 29.15 10.24 5.15
CA GLU B 317 29.78 10.09 6.48
C GLU B 317 28.87 10.58 7.62
N ARG B 318 28.35 11.79 7.53
CA ARG B 318 27.51 12.37 8.57
C ARG B 318 26.14 11.73 8.65
N LEU B 319 25.60 11.31 7.51
CA LEU B 319 24.29 10.68 7.45
C LEU B 319 24.34 9.30 8.08
N ASN B 320 25.49 8.66 7.98
CA ASN B 320 25.73 7.39 8.66
C ASN B 320 25.72 7.57 10.19
N THR B 321 26.43 8.59 10.68
CA THR B 321 26.42 8.91 12.10
C THR B 321 25.00 9.13 12.62
N ILE B 322 24.31 10.15 12.13
CA ILE B 322 22.91 10.31 12.42
C ILE B 322 22.18 8.95 12.44
N ASN B 323 22.27 8.15 11.36
CA ASN B 323 21.56 6.86 11.33
C ASN B 323 21.94 5.94 12.46
N HIS B 324 23.23 5.90 12.82
CA HIS B 324 23.70 5.09 13.93
C HIS B 324 23.03 5.53 15.20
N ARG B 325 22.96 6.84 15.43
CA ARG B 325 22.22 7.33 16.59
C ARG B 325 20.76 6.81 16.55
N TYR B 326 20.01 7.01 15.45
CA TYR B 326 18.53 6.86 15.54
C TYR B 326 17.90 5.68 14.76
N GLY B 327 18.68 4.87 14.05
CA GLY B 327 18.19 3.71 13.30
C GLY B 327 17.04 3.90 12.32
N LEU B 328 17.04 4.98 11.54
CA LEU B 328 15.92 5.28 10.65
C LEU B 328 15.99 4.58 9.30
N PHE B 329 17.22 4.37 8.81
CA PHE B 329 17.33 3.91 7.41
C PHE B 329 18.05 2.56 7.25
N SER B 330 17.46 1.68 6.44
CA SER B 330 18.17 0.46 6.03
C SER B 330 19.39 0.85 5.22
N GLU B 331 19.18 1.65 4.16
CA GLU B 331 20.24 2.07 3.24
C GLU B 331 20.40 3.60 3.08
N VAL B 332 21.66 4.04 3.00
CA VAL B 332 22.04 5.34 2.42
C VAL B 332 22.72 5.16 1.04
N ARG B 333 22.03 5.47 -0.04
CA ARG B 333 22.55 5.15 -1.37
C ARG B 333 22.62 6.36 -2.33
N GLY B 334 23.32 6.18 -3.47
CA GLY B 334 23.39 7.15 -4.56
C GLY B 334 24.79 7.66 -4.88
N LEU B 335 24.86 8.50 -5.92
CA LEU B 335 26.13 8.89 -6.53
C LEU B 335 26.36 10.39 -6.48
N GLY B 336 27.53 10.83 -6.06
CA GLY B 336 27.76 12.27 -6.02
C GLY B 336 26.69 12.93 -5.18
N LEU B 337 26.09 14.03 -5.61
CA LEU B 337 25.17 14.76 -4.74
C LEU B 337 23.70 14.48 -5.06
N LEU B 338 23.42 13.24 -5.43
CA LEU B 338 22.06 12.72 -5.52
C LEU B 338 22.09 11.59 -4.48
N ILE B 339 21.36 11.78 -3.37
CA ILE B 339 21.43 10.82 -2.28
C ILE B 339 20.06 10.43 -1.75
N GLY B 340 19.93 9.13 -1.53
CA GLY B 340 18.71 8.54 -0.99
C GLY B 340 18.99 7.87 0.34
N CYS B 341 18.28 8.28 1.40
CA CYS B 341 18.13 7.48 2.62
C CYS B 341 16.85 6.65 2.57
N VAL B 342 17.04 5.33 2.58
CA VAL B 342 15.89 4.41 2.52
C VAL B 342 15.46 4.10 3.93
N LEU B 343 14.19 4.38 4.21
CA LEU B 343 13.64 4.14 5.57
C LEU B 343 13.49 2.65 5.85
N ASN B 344 13.95 2.19 7.02
CA ASN B 344 13.71 0.76 7.28
C ASN B 344 12.28 0.43 7.78
N ALA B 345 12.07 -0.86 8.12
CA ALA B 345 10.69 -1.39 8.19
C ALA B 345 9.90 -0.75 9.29
N ASP B 346 10.57 -0.33 10.37
CA ASP B 346 9.89 0.32 11.52
C ASP B 346 9.25 1.62 11.14
N TYR B 347 9.86 2.32 10.19
CA TYR B 347 9.46 3.67 9.80
C TYR B 347 8.91 3.75 8.38
N ALA B 348 8.64 2.60 7.77
CA ALA B 348 8.22 2.56 6.38
C ALA B 348 7.05 3.48 6.08
N GLY B 349 7.12 4.21 4.96
CA GLY B 349 5.99 5.07 4.49
C GLY B 349 6.03 6.47 5.07
N GLN B 350 7.07 6.79 5.84
CA GLN B 350 7.08 8.03 6.62
C GLN B 350 8.00 9.14 6.07
N ALA B 351 8.43 9.03 4.81
CA ALA B 351 9.34 10.03 4.27
C ALA B 351 8.77 11.43 4.30
N LYS B 352 7.50 11.59 3.98
CA LYS B 352 6.82 12.87 3.97
C LYS B 352 6.91 13.47 5.38
N GLN B 353 6.76 12.64 6.40
CA GLN B 353 6.72 13.14 7.75
CA GLN B 353 6.73 13.13 7.78
C GLN B 353 8.11 13.54 8.20
N ILE B 354 9.10 12.78 7.77
CA ILE B 354 10.43 13.17 8.15
C ILE B 354 10.78 14.49 7.42
N SER B 355 10.29 14.63 6.22
CA SER B 355 10.51 15.80 5.44
C SER B 355 9.90 17.05 6.12
N GLN B 356 8.67 16.92 6.58
CA GLN B 356 8.05 17.94 7.40
C GLN B 356 8.80 18.25 8.69
N GLU B 357 9.40 17.25 9.32
CA GLU B 357 10.11 17.57 10.53
C GLU B 357 11.33 18.38 10.18
N ALA B 358 11.95 18.04 9.05
CA ALA B 358 13.15 18.74 8.65
C ALA B 358 12.79 20.18 8.33
N ALA B 359 11.64 20.39 7.69
CA ALA B 359 11.23 21.74 7.37
C ALA B 359 11.10 22.58 8.68
N LYS B 360 10.36 22.03 9.67
CA LYS B 360 10.21 22.66 10.98
C LYS B 360 11.60 23.00 11.58
N ALA B 361 12.58 22.13 11.38
CA ALA B 361 13.88 22.36 11.98
C ALA B 361 14.81 23.26 11.15
N GLY B 362 14.33 23.74 10.00
CA GLY B 362 15.12 24.65 9.16
C GLY B 362 15.92 24.07 8.00
N VAL B 363 15.51 22.89 7.50
CA VAL B 363 16.21 22.21 6.39
C VAL B 363 15.25 21.60 5.37
N MET B 364 15.42 21.99 4.10
CA MET B 364 14.59 21.43 3.02
C MET B 364 15.20 20.16 2.43
N VAL B 365 14.41 19.08 2.42
CA VAL B 365 14.82 17.79 1.82
C VAL B 365 13.72 17.31 0.92
N LEU B 366 13.99 16.35 0.04
CA LEU B 366 12.90 15.76 -0.74
C LEU B 366 12.59 14.36 -0.28
N ILE B 367 11.39 13.90 -0.65
CA ILE B 367 11.00 12.45 -0.65
C ILE B 367 11.17 11.96 -2.08
N ALA B 368 11.45 10.68 -2.23
CA ALA B 368 11.58 10.08 -3.55
C ALA B 368 10.67 8.87 -3.49
N GLY B 369 9.36 9.13 -3.57
CA GLY B 369 8.34 8.15 -3.26
C GLY B 369 8.41 7.79 -1.79
N GLY B 370 7.23 7.78 -1.14
CA GLY B 370 7.05 7.43 0.30
C GLY B 370 8.04 6.72 1.24
N ASN B 371 9.06 6.05 0.72
CA ASN B 371 10.00 5.38 1.61
C ASN B 371 11.42 5.93 1.59
N VAL B 372 11.67 6.96 0.76
CA VAL B 372 13.04 7.48 0.62
C VAL B 372 13.10 8.98 0.86
N VAL B 373 14.10 9.41 1.62
CA VAL B 373 14.39 10.83 1.83
C VAL B 373 15.57 11.23 0.92
N ARG B 374 15.27 12.09 -0.06
CA ARG B 374 16.25 12.49 -1.11
C ARG B 374 16.99 13.83 -0.83
N PHE B 375 18.28 13.78 -0.84
CA PHE B 375 19.11 15.00 -0.84
C PHE B 375 19.61 15.34 -2.26
N ALA B 376 19.32 16.55 -2.72
CA ALA B 376 19.95 17.07 -3.99
C ALA B 376 20.58 18.45 -3.80
N PRO B 377 21.61 18.57 -2.97
CA PRO B 377 22.19 19.91 -2.72
C PRO B 377 22.84 20.52 -3.96
N ALA B 378 23.19 21.81 -3.88
CA ALA B 378 23.91 22.54 -4.96
C ALA B 378 25.33 22.01 -4.98
N LEU B 379 25.96 21.99 -6.16
CA LEU B 379 27.28 21.34 -6.29
C LEU B 379 28.32 22.17 -5.57
N ASN B 380 28.04 23.47 -5.40
CA ASN B 380 28.95 24.39 -4.70
C ASN B 380 28.50 24.62 -3.26
N VAL B 381 27.58 23.82 -2.74
CA VAL B 381 27.27 23.95 -1.31
C VAL B 381 28.56 24.00 -0.39
N SER B 382 28.59 24.92 0.55
CA SER B 382 29.75 25.02 1.40
C SER B 382 29.71 24.04 2.58
N GLU B 383 30.88 23.75 3.11
CA GLU B 383 31.02 22.91 4.30
C GLU B 383 30.14 23.41 5.43
N GLU B 384 30.07 24.72 5.57
CA GLU B 384 29.29 25.25 6.67
C GLU B 384 27.80 24.99 6.46
N GLU B 385 27.33 25.21 5.22
CA GLU B 385 25.95 24.93 4.87
C GLU B 385 25.69 23.42 5.10
N VAL B 386 26.67 22.57 4.82
CA VAL B 386 26.46 21.13 4.94
C VAL B 386 26.36 20.73 6.43
N THR B 387 27.35 21.13 7.21
CA THR B 387 27.31 20.91 8.64
C THR B 387 26.07 21.46 9.35
N THR B 388 25.71 22.70 9.07
CA THR B 388 24.51 23.28 9.68
C THR B 388 23.23 22.57 9.24
N GLY B 389 23.06 22.36 7.95
CA GLY B 389 21.87 21.75 7.46
C GLY B 389 21.70 20.34 8.00
N LEU B 390 22.80 19.62 8.10
CA LEU B 390 22.79 18.27 8.66
C LEU B 390 22.58 18.30 10.18
N ASP B 391 23.09 19.31 10.89
CA ASP B 391 22.73 19.46 12.31
C ASP B 391 21.22 19.61 12.41
N ARG B 392 20.63 20.45 11.59
CA ARG B 392 19.21 20.56 11.65
C ARG B 392 18.54 19.26 11.25
N PHE B 393 19.04 18.60 10.23
CA PHE B 393 18.44 17.34 9.87
C PHE B 393 18.46 16.32 11.04
N ALA B 394 19.59 16.21 11.72
CA ALA B 394 19.72 15.36 12.89
C ALA B 394 18.68 15.76 13.97
N ALA B 395 18.54 17.06 14.23
CA ALA B 395 17.57 17.56 15.15
C ALA B 395 16.19 17.09 14.77
N ALA B 396 15.88 17.11 13.48
CA ALA B 396 14.56 16.71 12.99
C ALA B 396 14.31 15.22 13.23
N CYS B 397 15.36 14.44 13.07
CA CYS B 397 15.28 13.02 13.30
C CYS B 397 14.92 12.72 14.73
N GLU B 398 15.61 13.35 15.69
CA GLU B 398 15.29 13.19 17.11
C GLU B 398 13.83 13.51 17.39
N HIS B 399 13.33 14.65 16.93
CA HIS B 399 11.92 14.96 17.23
C HIS B 399 11.02 13.94 16.59
N PHE B 400 11.49 13.33 15.50
CA PHE B 400 10.64 12.41 14.73
C PHE B 400 10.48 11.07 15.43
N VAL B 401 11.61 10.47 15.80
CA VAL B 401 11.66 9.34 16.72
C VAL B 401 10.89 9.61 18.04
N SER B 402 10.15 10.74 18.13
CA SER B 402 9.36 11.30 19.31
C SER B 402 10.11 11.41 20.63
#